data_4EQ7
#
_entry.id   4EQ7
#
_cell.length_a   104.280
_cell.length_b   104.280
_cell.length_c   286.710
_cell.angle_alpha   90.00
_cell.angle_beta   90.00
_cell.angle_gamma   120.00
#
_symmetry.space_group_name_H-M   'P 61 2 2'
#
loop_
_entity.id
_entity.type
_entity.pdbx_description
1 polymer 'ABC transporter, substrate binding protein (Polyamine)'
2 non-polymer 'SULFATE ION'
3 non-polymer GLYCEROL
4 water water
#
_entity_poly.entity_id   1
_entity_poly.type   'polypeptide(L)'
_entity_poly.pdbx_seq_one_letter_code
;NDLVFSSWGGTTQDAQKAAWAEKF(MSE)VETGINVLQDGPTDYGKLKA(MSE)VEANGVTWDVVDVEGDYAAQAGPKGL
LEKLDFSVIDKTKLDPRFVTDYSVGSFYYSFVIGCNVDSVSACPKSWADLFDTAKFPGKRTFYKWSAPGVIEAALLADGV
TADKLYPLDLDRAFKKLDTIKSDIIWWSGGAQSQQLIASAEAPFGSVWNGR(MSE)TALEQSGVKVETSWAQNITAADSL
VVPKGTKNKDAA(MSE)KFIALATSAQAQAD(MSE)ATATGYAPVNIESAKL(MSE)DPKIAKSLPDQQTESQVNAD
(MSE)NYWAQHRDEIGERWYAWQAKHHHHHH
;
_entity_poly.pdbx_strand_id   A,B
#
loop_
_chem_comp.id
_chem_comp.type
_chem_comp.name
_chem_comp.formula
GOL non-polymer GLYCEROL 'C3 H8 O3'
SO4 non-polymer 'SULFATE ION' 'O4 S -2'
#
# COMPACT_ATOMS: atom_id res chain seq x y z
N ASN A 1 -6.57 -17.70 -32.24
CA ASN A 1 -6.89 -17.19 -30.89
C ASN A 1 -6.09 -15.91 -30.61
N ASP A 2 -6.76 -14.84 -30.15
CA ASP A 2 -6.09 -13.58 -29.85
C ASP A 2 -5.33 -13.66 -28.52
N LEU A 3 -4.09 -13.19 -28.53
CA LEU A 3 -3.20 -13.13 -27.37
C LEU A 3 -3.47 -11.78 -26.67
N VAL A 4 -3.45 -11.76 -25.33
CA VAL A 4 -3.68 -10.53 -24.58
C VAL A 4 -2.40 -10.16 -23.83
N PHE A 5 -1.94 -8.92 -24.04
CA PHE A 5 -0.75 -8.33 -23.41
C PHE A 5 -1.22 -7.20 -22.47
N SER A 6 -0.82 -7.30 -21.20
CA SER A 6 -1.16 -6.32 -20.16
C SER A 6 0.10 -5.62 -19.70
N SER A 7 0.04 -4.28 -19.66
CA SER A 7 1.17 -3.48 -19.20
C SER A 7 0.67 -2.24 -18.46
N TRP A 8 1.51 -1.24 -18.31
CA TRP A 8 1.27 -0.06 -17.48
C TRP A 8 0.52 1.10 -18.11
N GLY A 9 0.12 0.94 -19.38
CA GLY A 9 -0.53 1.99 -20.14
C GLY A 9 0.48 3.05 -20.54
N GLY A 10 -0.02 4.13 -21.11
CA GLY A 10 0.79 5.27 -21.52
C GLY A 10 1.84 4.95 -22.56
N THR A 11 2.88 5.79 -22.62
CA THR A 11 3.93 5.65 -23.62
C THR A 11 4.71 4.35 -23.53
N THR A 12 4.86 3.76 -22.32
CA THR A 12 5.59 2.47 -22.25
C THR A 12 4.79 1.37 -22.95
N GLN A 13 3.51 1.25 -22.62
CA GLN A 13 2.69 0.22 -23.28
C GLN A 13 2.55 0.50 -24.79
N ASP A 14 2.45 1.78 -25.19
CA ASP A 14 2.39 2.14 -26.62
C ASP A 14 3.65 1.66 -27.36
N ALA A 15 4.83 1.86 -26.73
CA ALA A 15 6.08 1.42 -27.32
C ALA A 15 6.14 -0.08 -27.42
N GLN A 16 5.64 -0.80 -26.40
CA GLN A 16 5.61 -2.27 -26.41
C GLN A 16 4.66 -2.75 -27.50
N LYS A 17 3.53 -2.06 -27.68
CA LYS A 17 2.59 -2.45 -28.75
C LYS A 17 3.29 -2.31 -30.13
N ALA A 18 3.91 -1.15 -30.40
CA ALA A 18 4.58 -0.89 -31.67
C ALA A 18 5.81 -1.78 -31.93
N ALA A 19 6.66 -1.98 -30.90
CA ALA A 19 7.89 -2.77 -31.07
C ALA A 19 7.66 -4.28 -30.98
N TRP A 20 6.68 -4.73 -30.17
CA TRP A 20 6.49 -6.17 -29.92
C TRP A 20 5.22 -6.75 -30.52
N ALA A 21 4.04 -6.25 -30.09
CA ALA A 21 2.74 -6.77 -30.54
C ALA A 21 2.59 -6.71 -32.05
N GLU A 22 2.97 -5.57 -32.64
CA GLU A 22 2.84 -5.43 -34.08
C GLU A 22 3.76 -6.36 -34.83
N LYS A 23 5.02 -6.46 -34.39
CA LYS A 23 6.00 -7.35 -35.01
C LYS A 23 5.54 -8.80 -34.90
N PHE A 24 5.00 -9.18 -33.73
CA PHE A 24 4.48 -10.53 -33.47
C PHE A 24 3.32 -10.87 -34.41
N MSE A 25 2.39 -9.92 -34.61
CA MSE A 25 1.24 -10.08 -35.51
C MSE A 25 1.70 -10.26 -36.96
O MSE A 25 1.23 -11.18 -37.63
CB MSE A 25 0.29 -8.89 -35.43
CG MSE A 25 -1.01 -9.12 -36.20
SE MSE A 25 -1.84 -7.46 -36.80
CE MSE A 25 -3.48 -8.24 -37.76
N VAL A 26 2.62 -9.39 -37.42
CA VAL A 26 3.20 -9.42 -38.77
C VAL A 26 3.93 -10.76 -38.99
N GLU A 27 4.67 -11.23 -37.99
CA GLU A 27 5.44 -12.48 -38.06
C GLU A 27 4.61 -13.77 -37.98
N THR A 28 3.60 -13.83 -37.11
CA THR A 28 2.86 -15.06 -36.86
C THR A 28 1.42 -15.07 -37.29
N GLY A 29 0.84 -13.90 -37.55
CA GLY A 29 -0.58 -13.79 -37.85
C GLY A 29 -1.49 -13.81 -36.64
N ILE A 30 -0.92 -14.03 -35.42
CA ILE A 30 -1.69 -14.03 -34.17
C ILE A 30 -1.87 -12.56 -33.78
N ASN A 31 -3.13 -12.13 -33.62
CA ASN A 31 -3.48 -10.78 -33.24
C ASN A 31 -3.21 -10.60 -31.72
N VAL A 32 -2.68 -9.44 -31.34
CA VAL A 32 -2.39 -9.14 -29.93
C VAL A 32 -3.31 -8.01 -29.47
N LEU A 33 -4.07 -8.23 -28.42
CA LEU A 33 -4.92 -7.22 -27.84
C LEU A 33 -4.18 -6.60 -26.64
N GLN A 34 -4.41 -5.32 -26.43
CA GLN A 34 -3.83 -4.58 -25.33
C GLN A 34 -4.83 -4.49 -24.18
N ASP A 35 -4.36 -4.76 -22.96
CA ASP A 35 -5.20 -4.60 -21.78
C ASP A 35 -4.35 -4.04 -20.68
N GLY A 36 -4.96 -3.82 -19.54
CA GLY A 36 -4.30 -3.25 -18.39
C GLY A 36 -5.10 -2.12 -17.80
N PRO A 37 -4.51 -1.35 -16.88
CA PRO A 37 -3.10 -1.46 -16.43
C PRO A 37 -2.88 -2.69 -15.57
N THR A 38 -1.62 -3.19 -15.57
CA THR A 38 -1.16 -4.29 -14.72
C THR A 38 -1.75 -4.11 -13.31
N ASP A 39 -2.41 -5.14 -12.81
CA ASP A 39 -3.06 -5.11 -11.51
C ASP A 39 -2.87 -6.49 -10.92
N TYR A 40 -2.10 -6.56 -9.84
CA TYR A 40 -1.77 -7.84 -9.20
C TYR A 40 -2.95 -8.59 -8.59
N GLY A 41 -3.92 -7.84 -8.08
CA GLY A 41 -5.17 -8.40 -7.54
C GLY A 41 -5.95 -9.06 -8.66
N LYS A 42 -6.00 -8.43 -9.84
CA LYS A 42 -6.69 -8.98 -11.02
C LYS A 42 -5.98 -10.22 -11.53
N LEU A 43 -4.63 -10.21 -11.56
CA LEU A 43 -3.85 -11.36 -12.03
C LEU A 43 -4.15 -12.53 -11.07
N LYS A 44 -4.05 -12.28 -9.73
CA LYS A 44 -4.36 -13.29 -8.72
C LYS A 44 -5.79 -13.85 -8.88
N ALA A 45 -6.81 -12.96 -9.01
CA ALA A 45 -8.22 -13.41 -9.13
C ALA A 45 -8.47 -14.30 -10.36
N MSE A 46 -7.92 -13.91 -11.52
CA MSE A 46 -7.97 -14.59 -12.83
C MSE A 46 -7.46 -16.03 -12.70
O MSE A 46 -8.11 -16.98 -13.14
CB MSE A 46 -6.94 -13.87 -13.71
CG MSE A 46 -7.33 -13.70 -15.07
SE MSE A 46 -5.84 -12.69 -15.75
CE MSE A 46 -6.67 -10.93 -15.45
N VAL A 47 -6.25 -16.17 -12.14
CA VAL A 47 -5.53 -17.42 -11.92
C VAL A 47 -6.31 -18.36 -11.00
N GLU A 48 -6.76 -17.84 -9.86
CA GLU A 48 -7.52 -18.61 -8.87
C GLU A 48 -8.88 -19.11 -9.38
N ALA A 49 -9.50 -18.36 -10.30
CA ALA A 49 -10.78 -18.68 -10.89
C ALA A 49 -10.68 -19.61 -12.12
N ASN A 50 -9.45 -19.86 -12.59
CA ASN A 50 -9.14 -20.58 -13.83
C ASN A 50 -9.85 -19.88 -15.00
N GLY A 51 -9.74 -18.55 -14.99
CA GLY A 51 -10.35 -17.68 -15.98
C GLY A 51 -9.35 -16.66 -16.45
N VAL A 52 -8.15 -17.13 -16.80
CA VAL A 52 -7.06 -16.31 -17.27
C VAL A 52 -7.39 -15.62 -18.59
N THR A 53 -7.41 -14.24 -18.57
CA THR A 53 -7.69 -13.37 -19.71
C THR A 53 -6.44 -12.56 -20.13
N TRP A 54 -5.36 -12.58 -19.32
CA TRP A 54 -4.11 -11.93 -19.69
C TRP A 54 -3.11 -13.02 -19.94
N ASP A 55 -2.48 -13.01 -21.12
CA ASP A 55 -1.52 -14.07 -21.46
C ASP A 55 -0.06 -13.73 -21.18
N VAL A 56 0.33 -12.46 -21.43
CA VAL A 56 1.67 -11.93 -21.14
C VAL A 56 1.41 -10.63 -20.37
N VAL A 57 2.07 -10.48 -19.23
CA VAL A 57 1.90 -9.30 -18.34
C VAL A 57 3.27 -8.72 -18.05
N ASP A 58 3.38 -7.39 -18.19
CA ASP A 58 4.56 -6.66 -17.78
C ASP A 58 4.32 -6.32 -16.29
N VAL A 59 5.17 -6.86 -15.41
CA VAL A 59 5.06 -6.67 -13.96
C VAL A 59 6.36 -6.11 -13.42
N GLU A 60 6.35 -5.59 -12.20
CA GLU A 60 7.59 -5.12 -11.56
C GLU A 60 8.41 -6.34 -11.20
N GLY A 61 9.73 -6.25 -11.34
CA GLY A 61 10.67 -7.33 -11.09
C GLY A 61 10.54 -7.97 -9.71
N ASP A 62 10.26 -7.15 -8.65
CA ASP A 62 10.09 -7.72 -7.31
C ASP A 62 8.76 -8.50 -7.19
N TYR A 63 7.70 -8.07 -7.92
CA TYR A 63 6.45 -8.83 -7.94
C TYR A 63 6.70 -10.18 -8.63
N ALA A 64 7.42 -10.19 -9.78
CA ALA A 64 7.73 -11.44 -10.50
C ALA A 64 8.43 -12.45 -9.57
N ALA A 65 9.42 -11.97 -8.81
CA ALA A 65 10.21 -12.77 -7.85
C ALA A 65 9.38 -13.29 -6.69
N GLN A 66 8.28 -12.61 -6.35
CA GLN A 66 7.39 -13.07 -5.30
C GLN A 66 6.32 -14.02 -5.83
N ALA A 67 5.74 -13.70 -7.01
CA ALA A 67 4.61 -14.42 -7.59
C ALA A 67 4.93 -15.84 -8.07
N GLY A 68 6.12 -16.04 -8.65
CA GLY A 68 6.58 -17.35 -9.13
C GLY A 68 6.54 -18.44 -8.07
N PRO A 69 7.20 -18.24 -6.89
CA PRO A 69 7.11 -19.26 -5.81
C PRO A 69 5.70 -19.45 -5.25
N LYS A 70 4.81 -18.46 -5.43
CA LYS A 70 3.43 -18.54 -4.97
C LYS A 70 2.49 -19.36 -5.88
N GLY A 71 2.96 -19.80 -7.05
CA GLY A 71 2.13 -20.60 -7.96
C GLY A 71 1.18 -19.80 -8.83
N LEU A 72 1.43 -18.48 -8.97
CA LEU A 72 0.56 -17.64 -9.79
C LEU A 72 0.94 -17.62 -11.26
N LEU A 73 2.13 -18.08 -11.58
CA LEU A 73 2.69 -18.00 -12.92
C LEU A 73 3.06 -19.32 -13.54
N GLU A 74 3.03 -19.35 -14.89
CA GLU A 74 3.50 -20.51 -15.65
C GLU A 74 4.98 -20.50 -15.60
N LYS A 75 5.58 -21.67 -15.58
CA LYS A 75 7.03 -21.78 -15.71
C LYS A 75 7.33 -21.40 -17.18
N LEU A 76 8.36 -20.59 -17.42
CA LEU A 76 8.64 -20.19 -18.82
C LEU A 76 9.38 -21.28 -19.59
N ASP A 77 9.13 -21.37 -20.90
CA ASP A 77 9.76 -22.37 -21.78
C ASP A 77 11.05 -21.80 -22.40
N PHE A 78 12.17 -22.18 -21.78
CA PHE A 78 13.51 -21.78 -22.19
C PHE A 78 14.11 -22.49 -23.42
N SER A 79 13.29 -23.27 -24.12
CA SER A 79 13.65 -23.85 -25.41
C SER A 79 13.09 -22.89 -26.47
N VAL A 80 12.02 -22.11 -26.12
CA VAL A 80 11.38 -21.10 -27.01
C VAL A 80 12.04 -19.74 -26.73
N ILE A 81 12.17 -19.39 -25.44
CA ILE A 81 12.83 -18.17 -25.00
C ILE A 81 14.29 -18.51 -24.79
N ASP A 82 15.19 -17.88 -25.55
CA ASP A 82 16.62 -18.14 -25.40
C ASP A 82 17.14 -17.27 -24.26
N LYS A 83 17.37 -17.87 -23.09
CA LYS A 83 17.84 -17.11 -21.93
C LYS A 83 19.33 -16.78 -21.99
N THR A 84 20.08 -17.40 -22.92
CA THR A 84 21.53 -17.17 -23.04
C THR A 84 21.90 -15.74 -23.46
N LYS A 85 21.00 -15.06 -24.17
CA LYS A 85 21.20 -13.67 -24.63
C LYS A 85 20.58 -12.64 -23.66
N LEU A 86 19.84 -13.12 -22.65
CA LEU A 86 19.15 -12.27 -21.67
C LEU A 86 19.97 -11.91 -20.44
N ASP A 87 19.73 -10.70 -19.88
CA ASP A 87 20.41 -10.23 -18.68
C ASP A 87 20.04 -11.22 -17.56
N PRO A 88 21.01 -11.99 -17.00
CA PRO A 88 20.64 -13.01 -16.01
C PRO A 88 20.13 -12.45 -14.68
N ARG A 89 20.33 -11.14 -14.44
CA ARG A 89 19.85 -10.48 -13.21
C ARG A 89 18.31 -10.53 -13.14
N PHE A 90 17.63 -10.62 -14.30
CA PHE A 90 16.18 -10.53 -14.34
C PHE A 90 15.49 -11.80 -14.78
N VAL A 91 16.23 -12.90 -14.78
CA VAL A 91 15.65 -14.17 -15.19
C VAL A 91 15.35 -15.07 -13.99
N THR A 92 14.13 -15.62 -13.94
CA THR A 92 13.76 -16.66 -12.97
C THR A 92 13.09 -17.80 -13.76
N ASP A 93 12.64 -18.88 -13.08
CA ASP A 93 11.95 -19.97 -13.77
C ASP A 93 10.61 -19.50 -14.31
N TYR A 94 10.09 -18.37 -13.78
CA TYR A 94 8.78 -17.84 -14.15
C TYR A 94 8.82 -16.46 -14.81
N SER A 95 10.01 -15.93 -15.07
CA SER A 95 10.07 -14.55 -15.61
C SER A 95 11.36 -14.27 -16.31
N VAL A 96 11.31 -13.26 -17.19
CA VAL A 96 12.48 -12.71 -17.85
C VAL A 96 12.29 -11.19 -17.76
N GLY A 97 13.36 -10.43 -17.93
CA GLY A 97 13.31 -8.98 -17.92
C GLY A 97 12.50 -8.47 -19.10
N SER A 98 11.75 -7.39 -18.88
CA SER A 98 10.95 -6.73 -19.91
C SER A 98 11.78 -5.54 -20.41
N PHE A 99 12.37 -4.80 -19.45
CA PHE A 99 13.26 -3.66 -19.63
C PHE A 99 13.89 -3.38 -18.26
N TYR A 100 14.96 -2.61 -18.23
CA TYR A 100 15.54 -2.18 -16.97
C TYR A 100 15.93 -0.73 -17.01
N TYR A 101 16.37 -0.21 -15.87
CA TYR A 101 16.72 1.19 -15.81
C TYR A 101 17.62 1.37 -14.60
N SER A 102 18.20 2.55 -14.50
CA SER A 102 18.95 2.96 -13.33
C SER A 102 18.30 4.19 -12.75
N PHE A 103 18.28 4.31 -11.41
CA PHE A 103 17.91 5.58 -10.78
C PHE A 103 19.23 6.31 -10.70
N VAL A 104 19.26 7.53 -11.22
CA VAL A 104 20.46 8.38 -11.26
C VAL A 104 20.15 9.72 -10.63
N ILE A 105 21.19 10.51 -10.37
CA ILE A 105 21.01 11.84 -9.78
C ILE A 105 21.01 12.89 -10.91
N GLY A 106 19.81 13.31 -11.28
CA GLY A 106 19.59 14.27 -12.36
C GLY A 106 19.51 15.66 -11.82
N CYS A 107 19.98 16.67 -12.59
CA CYS A 107 20.02 18.05 -12.10
C CYS A 107 19.87 19.10 -13.21
N ASN A 108 19.05 20.11 -12.95
CA ASN A 108 18.85 21.23 -13.85
C ASN A 108 20.01 22.21 -13.50
N VAL A 109 21.13 22.12 -14.23
CA VAL A 109 22.39 22.88 -14.00
C VAL A 109 22.22 24.37 -13.77
N ASP A 110 21.57 25.07 -14.71
CA ASP A 110 21.41 26.52 -14.64
C ASP A 110 20.44 27.03 -13.58
N SER A 111 19.72 26.14 -12.90
CA SER A 111 18.79 26.60 -11.86
C SER A 111 19.41 26.53 -10.47
N VAL A 112 20.57 25.89 -10.33
CA VAL A 112 21.24 25.72 -9.03
C VAL A 112 22.67 26.25 -9.06
N SER A 113 23.27 26.51 -7.89
CA SER A 113 24.66 26.98 -7.86
C SER A 113 25.59 25.80 -8.13
N ALA A 114 25.19 24.56 -7.73
CA ALA A 114 25.98 23.33 -7.90
C ALA A 114 25.10 22.06 -7.88
N CYS A 115 25.53 21.04 -8.64
CA CYS A 115 24.78 19.78 -8.75
C CYS A 115 25.18 18.74 -7.73
N PRO A 116 24.21 18.03 -7.07
CA PRO A 116 24.59 16.93 -6.18
C PRO A 116 25.19 15.79 -7.01
N LYS A 117 26.25 15.16 -6.51
CA LYS A 117 26.95 14.12 -7.26
C LYS A 117 26.80 12.73 -6.69
N SER A 118 26.36 12.61 -5.45
CA SER A 118 26.22 11.32 -4.78
C SER A 118 24.88 11.27 -4.08
N TRP A 119 24.44 10.07 -3.61
CA TRP A 119 23.20 10.00 -2.83
C TRP A 119 23.39 10.86 -1.57
N ALA A 120 24.59 10.81 -0.94
CA ALA A 120 24.87 11.62 0.25
C ALA A 120 24.61 13.10 -0.06
N ASP A 121 25.09 13.59 -1.19
CA ASP A 121 24.83 14.99 -1.63
C ASP A 121 23.34 15.26 -1.83
N LEU A 122 22.63 14.32 -2.49
CA LEU A 122 21.20 14.50 -2.72
C LEU A 122 20.42 14.61 -1.39
N PHE A 123 20.95 14.01 -0.31
CA PHE A 123 20.30 14.10 1.00
C PHE A 123 20.91 15.22 1.84
N ASP A 124 21.78 16.04 1.25
CA ASP A 124 22.48 17.08 2.00
C ASP A 124 21.89 18.43 1.65
N THR A 125 20.90 18.85 2.43
CA THR A 125 20.18 20.12 2.20
C THR A 125 20.99 21.32 2.59
N ALA A 126 21.97 21.15 3.50
CA ALA A 126 22.86 22.26 3.93
C ALA A 126 23.75 22.64 2.75
N LYS A 127 24.32 21.64 2.06
CA LYS A 127 25.20 21.87 0.92
C LYS A 127 24.46 22.06 -0.41
N PHE A 128 23.33 21.33 -0.61
CA PHE A 128 22.53 21.41 -1.83
C PHE A 128 21.08 21.72 -1.44
N PRO A 129 20.76 23.01 -1.24
CA PRO A 129 19.44 23.35 -0.71
C PRO A 129 18.29 23.22 -1.71
N GLY A 130 17.08 23.13 -1.19
CA GLY A 130 15.90 23.18 -2.03
C GLY A 130 15.16 21.86 -2.19
N LYS A 131 14.19 21.88 -3.09
CA LYS A 131 13.35 20.71 -3.34
C LYS A 131 14.10 19.65 -4.13
N ARG A 132 13.88 18.39 -3.78
CA ARG A 132 14.45 17.23 -4.49
C ARG A 132 13.31 16.28 -4.77
N THR A 133 13.38 15.61 -5.92
CA THR A 133 12.30 14.72 -6.31
C THR A 133 12.67 13.24 -6.27
N PHE A 134 11.73 12.39 -5.84
CA PHE A 134 11.91 10.94 -5.75
C PHE A 134 10.63 10.25 -6.20
N TYR A 135 10.76 9.01 -6.59
CA TYR A 135 9.66 8.13 -7.00
C TYR A 135 8.65 7.93 -5.86
N LYS A 136 7.38 8.26 -6.13
CA LYS A 136 6.29 8.17 -5.15
C LYS A 136 6.01 6.76 -4.62
N TRP A 137 6.02 5.78 -5.52
CA TRP A 137 5.49 4.46 -5.25
C TRP A 137 6.39 3.56 -4.48
N SER A 138 5.84 2.75 -3.59
CA SER A 138 6.66 1.79 -2.81
C SER A 138 7.30 0.84 -3.81
N ALA A 139 8.63 0.88 -3.91
CA ALA A 139 9.35 0.11 -4.92
C ALA A 139 10.84 0.22 -4.64
N PRO A 140 11.65 -0.72 -5.17
CA PRO A 140 13.10 -0.58 -5.04
C PRO A 140 13.60 0.79 -5.53
N GLY A 141 14.53 1.37 -4.79
CA GLY A 141 15.16 2.62 -5.18
C GLY A 141 15.42 3.64 -4.10
N VAL A 142 14.36 4.25 -3.62
CA VAL A 142 14.44 5.34 -2.62
C VAL A 142 15.07 4.88 -1.30
N ILE A 143 14.60 3.75 -0.76
CA ILE A 143 15.12 3.20 0.52
C ILE A 143 16.61 2.91 0.41
N GLU A 144 17.02 2.26 -0.69
CA GLU A 144 18.42 1.97 -0.95
C GLU A 144 19.22 3.27 -1.05
N ALA A 145 18.68 4.29 -1.78
CA ALA A 145 19.36 5.57 -1.92
C ALA A 145 19.57 6.23 -0.55
N ALA A 146 18.54 6.21 0.34
CA ALA A 146 18.62 6.80 1.68
C ALA A 146 19.72 6.13 2.51
N LEU A 147 19.79 4.80 2.42
CA LEU A 147 20.79 4.04 3.15
C LEU A 147 22.21 4.32 2.66
N LEU A 148 22.41 4.29 1.34
CA LEU A 148 23.70 4.60 0.73
C LEU A 148 24.11 6.04 1.07
N ALA A 149 23.14 6.99 1.07
CA ALA A 149 23.38 8.38 1.43
C ALA A 149 23.82 8.49 2.90
N ASP A 150 23.34 7.55 3.75
CA ASP A 150 23.66 7.51 5.18
C ASP A 150 24.96 6.74 5.49
N GLY A 151 25.69 6.34 4.45
CA GLY A 151 26.98 5.67 4.59
C GLY A 151 26.99 4.15 4.54
N VAL A 152 25.83 3.53 4.30
CA VAL A 152 25.78 2.08 4.17
C VAL A 152 26.52 1.68 2.89
N THR A 153 27.46 0.72 3.00
CA THR A 153 28.20 0.30 1.79
C THR A 153 27.28 -0.57 0.95
N ALA A 154 27.44 -0.55 -0.38
CA ALA A 154 26.62 -1.36 -1.29
C ALA A 154 26.69 -2.85 -0.92
N ASP A 155 27.87 -3.36 -0.52
CA ASP A 155 28.04 -4.77 -0.14
C ASP A 155 27.25 -5.18 1.11
N LYS A 156 26.98 -4.24 2.03
CA LYS A 156 26.23 -4.52 3.26
C LYS A 156 24.81 -3.91 3.25
N LEU A 157 24.34 -3.49 2.05
CA LEU A 157 23.03 -2.87 1.92
C LEU A 157 21.86 -3.78 2.38
N TYR A 158 21.85 -5.03 1.92
CA TYR A 158 20.77 -5.96 2.24
C TYR A 158 21.09 -6.92 3.38
N PRO A 159 20.11 -7.26 4.27
CA PRO A 159 18.72 -6.78 4.34
C PRO A 159 18.67 -5.30 4.70
N LEU A 160 17.71 -4.58 4.11
CA LEU A 160 17.61 -3.14 4.33
C LEU A 160 17.28 -2.79 5.77
N ASP A 161 18.03 -1.83 6.33
CA ASP A 161 17.76 -1.35 7.67
C ASP A 161 16.68 -0.26 7.52
N LEU A 162 15.39 -0.66 7.66
CA LEU A 162 14.27 0.25 7.43
C LEU A 162 14.21 1.44 8.37
N ASP A 163 14.44 1.22 9.69
CA ASP A 163 14.44 2.35 10.63
C ASP A 163 15.49 3.39 10.25
N ARG A 164 16.67 2.91 9.88
CA ARG A 164 17.77 3.81 9.48
C ARG A 164 17.40 4.59 8.19
N ALA A 165 16.77 3.90 7.21
CA ALA A 165 16.38 4.53 5.95
C ALA A 165 15.33 5.59 6.20
N PHE A 166 14.28 5.28 6.99
CA PHE A 166 13.23 6.26 7.22
C PHE A 166 13.70 7.44 8.06
N LYS A 167 14.66 7.21 8.98
CA LYS A 167 15.25 8.31 9.77
C LYS A 167 16.00 9.24 8.83
N LYS A 168 16.72 8.69 7.85
CA LYS A 168 17.47 9.46 6.87
C LYS A 168 16.53 10.25 5.95
N LEU A 169 15.46 9.59 5.45
CA LEU A 169 14.43 10.26 4.64
C LEU A 169 13.76 11.39 5.44
N ASP A 170 13.55 11.17 6.76
CA ASP A 170 12.92 12.19 7.62
C ASP A 170 13.73 13.47 7.67
N THR A 171 15.07 13.37 7.53
CA THR A 171 15.94 14.57 7.59
C THR A 171 15.69 15.52 6.42
N ILE A 172 15.15 15.01 5.29
CA ILE A 172 14.90 15.85 4.12
C ILE A 172 13.43 15.90 3.69
N LYS A 173 12.57 15.23 4.44
CA LYS A 173 11.16 15.02 4.09
C LYS A 173 10.39 16.23 3.60
N SER A 174 10.52 17.38 4.32
CA SER A 174 9.80 18.59 3.95
C SER A 174 10.24 19.13 2.58
N ASP A 175 11.42 18.69 2.09
CA ASP A 175 11.96 19.13 0.80
C ASP A 175 11.74 18.12 -0.35
N ILE A 176 11.00 17.06 -0.08
CA ILE A 176 10.74 16.07 -1.12
C ILE A 176 9.46 16.41 -1.85
N ILE A 177 9.53 16.40 -3.21
CA ILE A 177 8.37 16.50 -4.08
C ILE A 177 8.35 15.16 -4.80
N TRP A 178 7.28 14.39 -4.66
CA TRP A 178 7.23 13.07 -5.29
C TRP A 178 6.86 13.11 -6.75
N TRP A 179 7.53 12.27 -7.58
CA TRP A 179 7.19 12.07 -9.00
C TRP A 179 6.47 10.71 -9.11
N SER A 180 5.28 10.72 -9.73
CA SER A 180 4.43 9.54 -9.89
C SER A 180 4.57 8.86 -11.25
N GLY A 181 5.15 9.58 -12.21
CA GLY A 181 5.40 9.07 -13.56
C GLY A 181 6.59 9.77 -14.18
N GLY A 182 7.13 9.19 -15.25
CA GLY A 182 8.32 9.70 -15.96
C GLY A 182 8.22 11.15 -16.46
N ALA A 183 7.11 11.48 -17.11
CA ALA A 183 6.90 12.84 -17.65
C ALA A 183 6.80 13.89 -16.52
N GLN A 184 6.19 13.53 -15.39
CA GLN A 184 6.15 14.43 -14.22
C GLN A 184 7.57 14.69 -13.66
N SER A 185 8.42 13.65 -13.60
CA SER A 185 9.81 13.83 -13.14
C SER A 185 10.53 14.86 -14.04
N GLN A 186 10.27 14.78 -15.34
CA GLN A 186 10.88 15.70 -16.31
C GLN A 186 10.37 17.12 -16.11
N GLN A 187 9.05 17.28 -15.92
CA GLN A 187 8.43 18.60 -15.67
C GLN A 187 9.00 19.22 -14.40
N LEU A 188 9.13 18.44 -13.32
CA LEU A 188 9.68 18.92 -12.05
C LEU A 188 11.12 19.45 -12.17
N ILE A 189 12.00 18.70 -12.86
CA ILE A 189 13.39 19.10 -13.07
C ILE A 189 13.46 20.27 -14.05
N ALA A 190 12.81 20.16 -15.24
CA ALA A 190 12.85 21.21 -16.28
C ALA A 190 12.34 22.55 -15.75
N SER A 191 11.24 22.55 -14.99
CA SER A 191 10.64 23.78 -14.43
C SER A 191 11.43 24.33 -13.23
N ALA A 192 12.41 23.54 -12.71
CA ALA A 192 13.17 23.83 -11.49
C ALA A 192 12.25 23.85 -10.24
N GLU A 193 11.02 23.28 -10.32
CA GLU A 193 10.19 23.14 -9.12
C GLU A 193 10.95 22.19 -8.14
N ALA A 194 11.62 21.17 -8.67
CA ALA A 194 12.51 20.29 -7.92
C ALA A 194 13.69 20.13 -8.87
N PRO A 195 14.71 20.99 -8.73
CA PRO A 195 15.80 21.00 -9.71
C PRO A 195 16.71 19.78 -9.79
N PHE A 196 16.65 18.93 -8.77
CA PHE A 196 17.42 17.69 -8.78
C PHE A 196 16.61 16.57 -8.16
N GLY A 197 17.00 15.34 -8.43
CA GLY A 197 16.25 14.20 -7.89
C GLY A 197 16.79 12.89 -8.37
N SER A 198 16.23 11.78 -7.82
CA SER A 198 16.56 10.42 -8.20
C SER A 198 15.52 10.03 -9.27
N VAL A 199 15.96 9.98 -10.54
CA VAL A 199 15.06 9.76 -11.67
C VAL A 199 15.52 8.60 -12.56
N TRP A 200 14.63 8.09 -13.40
CA TRP A 200 14.99 7.06 -14.39
C TRP A 200 16.00 7.69 -15.35
N ASN A 201 17.12 7.00 -15.61
CA ASN A 201 18.22 7.54 -16.42
C ASN A 201 17.78 8.08 -17.79
N GLY A 202 16.87 7.36 -18.45
CA GLY A 202 16.33 7.70 -19.76
C GLY A 202 15.65 9.05 -19.82
N ARG A 203 14.99 9.44 -18.71
CA ARG A 203 14.27 10.72 -18.66
C ARG A 203 15.19 11.94 -18.74
N MSE A 204 16.49 11.78 -18.39
CA MSE A 204 17.51 12.84 -18.51
C MSE A 204 17.86 13.17 -19.97
O MSE A 204 18.24 14.31 -20.26
CB MSE A 204 18.78 12.48 -17.71
CG MSE A 204 18.54 12.37 -16.20
SE MSE A 204 17.62 13.93 -15.50
CE MSE A 204 18.94 15.28 -15.95
N THR A 205 17.72 12.18 -20.89
CA THR A 205 17.97 12.32 -22.34
C THR A 205 16.98 13.27 -23.01
N ALA A 206 15.66 13.10 -22.78
CA ALA A 206 14.69 14.02 -23.40
C ALA A 206 14.83 15.41 -22.81
N LEU A 207 15.35 15.52 -21.57
CA LEU A 207 15.60 16.84 -20.99
C LEU A 207 16.73 17.51 -21.76
N GLU A 208 17.84 16.79 -21.98
CA GLU A 208 19.02 17.25 -22.75
C GLU A 208 18.61 17.69 -24.17
N GLN A 209 17.79 16.86 -24.85
CA GLN A 209 17.30 17.12 -26.22
C GLN A 209 16.29 18.25 -26.33
N SER A 210 15.52 18.52 -25.25
CA SER A 210 14.53 19.61 -25.23
C SER A 210 15.16 21.01 -25.07
N GLY A 211 16.46 21.07 -24.75
CA GLY A 211 17.17 22.33 -24.58
C GLY A 211 17.40 22.76 -23.14
N VAL A 212 17.11 21.86 -22.18
CA VAL A 212 17.33 22.14 -20.76
C VAL A 212 18.73 21.65 -20.45
N LYS A 213 19.63 22.53 -19.94
CA LYS A 213 21.00 22.11 -19.61
C LYS A 213 20.93 21.26 -18.33
N VAL A 214 21.35 20.01 -18.45
CA VAL A 214 21.25 19.06 -17.35
C VAL A 214 22.56 18.33 -17.12
N GLU A 215 22.74 17.83 -15.90
CA GLU A 215 23.86 16.99 -15.49
C GLU A 215 23.24 15.72 -14.89
N THR A 216 23.94 14.61 -15.05
CA THR A 216 23.52 13.33 -14.48
C THR A 216 24.70 12.74 -13.77
N SER A 217 24.54 12.40 -12.50
CA SER A 217 25.59 11.67 -11.82
C SER A 217 25.18 10.19 -11.76
N TRP A 218 26.09 9.30 -12.17
CA TRP A 218 25.88 7.86 -12.12
C TRP A 218 26.50 7.22 -10.88
N ALA A 219 27.03 8.03 -9.93
CA ALA A 219 27.66 7.48 -8.71
C ALA A 219 26.65 6.66 -7.91
N GLN A 220 26.93 5.35 -7.72
CA GLN A 220 26.08 4.37 -7.01
C GLN A 220 24.68 4.28 -7.65
N ASN A 221 24.59 4.40 -8.99
CA ASN A 221 23.32 4.33 -9.71
C ASN A 221 22.63 3.00 -9.40
N ILE A 222 21.32 3.03 -9.11
CA ILE A 222 20.57 1.87 -8.64
C ILE A 222 19.75 1.26 -9.76
N THR A 223 20.00 -0.01 -10.10
CA THR A 223 19.22 -0.66 -11.14
C THR A 223 18.07 -1.44 -10.58
N ALA A 224 16.96 -1.48 -11.33
CA ALA A 224 15.79 -2.32 -11.06
C ALA A 224 15.17 -2.57 -12.44
N ALA A 225 14.18 -3.46 -12.51
CA ALA A 225 13.62 -3.84 -13.80
C ALA A 225 12.18 -4.24 -13.72
N ASP A 226 11.54 -4.31 -14.88
CA ASP A 226 10.23 -4.91 -15.03
C ASP A 226 10.47 -6.26 -15.69
N SER A 227 9.50 -7.15 -15.58
CA SER A 227 9.59 -8.51 -16.09
C SER A 227 8.38 -8.84 -16.93
N LEU A 228 8.51 -9.87 -17.76
CA LEU A 228 7.40 -10.46 -18.49
C LEU A 228 7.13 -11.82 -17.85
N VAL A 229 5.86 -12.05 -17.54
CA VAL A 229 5.32 -13.26 -16.91
C VAL A 229 4.09 -13.70 -17.66
N VAL A 230 3.72 -14.97 -17.46
CA VAL A 230 2.56 -15.62 -18.06
C VAL A 230 1.70 -16.15 -16.91
N PRO A 231 0.50 -15.60 -16.66
CA PRO A 231 -0.34 -16.10 -15.53
C PRO A 231 -0.67 -17.59 -15.67
N LYS A 232 -0.57 -18.34 -14.54
CA LYS A 232 -0.84 -19.78 -14.53
C LYS A 232 -2.28 -20.04 -14.92
N GLY A 233 -2.46 -20.87 -15.96
CA GLY A 233 -3.79 -21.15 -16.49
C GLY A 233 -4.14 -20.42 -17.77
N THR A 234 -3.16 -19.70 -18.41
CA THR A 234 -3.41 -19.04 -19.71
C THR A 234 -3.91 -20.11 -20.71
N LYS A 235 -4.88 -19.75 -21.53
CA LYS A 235 -5.41 -20.62 -22.60
C LYS A 235 -4.54 -20.49 -23.86
N ASN A 236 -3.52 -19.59 -23.83
CA ASN A 236 -2.62 -19.36 -24.97
C ASN A 236 -1.14 -19.48 -24.60
N LYS A 237 -0.78 -20.56 -23.89
CA LYS A 237 0.58 -20.80 -23.41
C LYS A 237 1.67 -20.77 -24.48
N ASP A 238 1.49 -21.57 -25.56
CA ASP A 238 2.50 -21.64 -26.63
C ASP A 238 2.68 -20.26 -27.25
N ALA A 239 1.60 -19.55 -27.57
CA ALA A 239 1.71 -18.21 -28.18
C ALA A 239 2.35 -17.21 -27.20
N ALA A 240 2.06 -17.35 -25.88
CA ALA A 240 2.65 -16.47 -24.84
C ALA A 240 4.14 -16.64 -24.79
N MSE A 241 4.65 -17.91 -24.88
CA MSE A 241 6.11 -18.13 -24.88
C MSE A 241 6.76 -17.52 -26.13
O MSE A 241 7.83 -16.92 -26.02
CB MSE A 241 6.45 -19.63 -24.78
CG MSE A 241 5.89 -20.31 -23.56
SE MSE A 241 6.36 -19.31 -21.91
CE MSE A 241 5.06 -20.16 -20.70
N LYS A 242 6.13 -17.70 -27.31
CA LYS A 242 6.63 -17.14 -28.57
C LYS A 242 6.62 -15.61 -28.50
N PHE A 243 5.57 -15.02 -27.91
CA PHE A 243 5.51 -13.54 -27.78
C PHE A 243 6.69 -13.06 -26.92
N ILE A 244 6.92 -13.76 -25.77
CA ILE A 244 8.04 -13.40 -24.89
C ILE A 244 9.37 -13.54 -25.58
N ALA A 245 9.56 -14.64 -26.38
CA ALA A 245 10.81 -14.81 -27.12
C ALA A 245 11.01 -13.64 -28.10
N LEU A 246 9.95 -13.19 -28.77
CA LEU A 246 10.07 -12.06 -29.70
C LEU A 246 10.42 -10.77 -28.93
N ALA A 247 9.63 -10.46 -27.89
CA ALA A 247 9.76 -9.26 -27.04
C ALA A 247 11.15 -9.10 -26.43
N THR A 248 11.83 -10.23 -26.15
CA THR A 248 13.14 -10.24 -25.53
C THR A 248 14.28 -10.46 -26.53
N SER A 249 13.97 -10.47 -27.84
CA SER A 249 14.99 -10.63 -28.89
C SER A 249 15.79 -9.35 -29.03
N ALA A 250 17.01 -9.44 -29.58
CA ALA A 250 17.93 -8.32 -29.71
C ALA A 250 17.29 -7.08 -30.36
N GLN A 251 16.64 -7.24 -31.52
CA GLN A 251 16.01 -6.14 -32.25
C GLN A 251 14.81 -5.53 -31.52
N ALA A 252 13.91 -6.39 -31.01
CA ALA A 252 12.70 -5.96 -30.28
C ALA A 252 13.07 -5.17 -29.02
N GLN A 253 14.13 -5.61 -28.33
CA GLN A 253 14.63 -4.94 -27.13
C GLN A 253 15.30 -3.62 -27.52
N ALA A 254 16.07 -3.62 -28.64
CA ALA A 254 16.69 -2.38 -29.16
C ALA A 254 15.63 -1.33 -29.51
N ASP A 255 14.53 -1.77 -30.13
CA ASP A 255 13.40 -0.91 -30.52
C ASP A 255 12.65 -0.35 -29.31
N MSE A 256 12.32 -1.22 -28.34
CA MSE A 256 11.62 -0.77 -27.12
C MSE A 256 12.53 0.24 -26.37
O MSE A 256 12.02 1.30 -25.92
CB MSE A 256 11.29 -2.02 -26.23
CG MSE A 256 10.67 -1.69 -24.85
SE MSE A 256 12.01 -1.10 -23.55
CE MSE A 256 13.34 -2.61 -23.66
N ALA A 257 13.83 -0.05 -26.23
CA ALA A 257 14.80 0.83 -25.53
C ALA A 257 14.89 2.19 -26.19
N THR A 258 15.02 2.22 -27.53
CA THR A 258 15.12 3.45 -28.31
C THR A 258 13.88 4.30 -28.09
N ALA A 259 12.70 3.67 -28.13
CA ALA A 259 11.43 4.39 -27.97
C ALA A 259 11.18 4.91 -26.54
N THR A 260 11.59 4.16 -25.51
CA THR A 260 11.25 4.52 -24.13
C THR A 260 12.34 5.23 -23.33
N GLY A 261 13.59 5.03 -23.69
CA GLY A 261 14.72 5.52 -22.90
C GLY A 261 15.08 4.48 -21.84
N TYR A 262 14.32 3.37 -21.75
CA TYR A 262 14.68 2.29 -20.82
C TYR A 262 15.86 1.54 -21.42
N ALA A 263 16.51 0.71 -20.62
CA ALA A 263 17.65 -0.08 -21.10
C ALA A 263 17.22 -1.49 -21.54
N PRO A 264 17.83 -2.01 -22.62
CA PRO A 264 17.42 -3.36 -23.08
C PRO A 264 17.92 -4.46 -22.16
N VAL A 265 17.17 -5.57 -22.11
CA VAL A 265 17.48 -6.74 -21.28
C VAL A 265 18.04 -7.92 -22.12
N ASN A 266 18.39 -7.62 -23.37
CA ASN A 266 19.07 -8.56 -24.28
C ASN A 266 20.49 -7.97 -24.42
N ILE A 267 21.50 -8.78 -24.15
CA ILE A 267 22.91 -8.38 -24.19
C ILE A 267 23.45 -8.01 -25.58
N GLU A 268 22.70 -8.36 -26.64
CA GLU A 268 23.06 -8.08 -28.05
C GLU A 268 22.34 -6.85 -28.61
N SER A 269 21.46 -6.21 -27.79
CA SER A 269 20.69 -5.06 -28.28
C SER A 269 21.48 -3.78 -28.47
N ALA A 270 22.39 -3.46 -27.53
CA ALA A 270 23.15 -2.22 -27.56
C ALA A 270 23.88 -2.02 -28.89
N LYS A 271 24.45 -3.13 -29.46
CA LYS A 271 25.17 -3.15 -30.74
C LYS A 271 24.30 -2.74 -31.91
N LEU A 272 22.97 -2.96 -31.82
CA LEU A 272 21.99 -2.65 -32.86
C LEU A 272 21.44 -1.24 -32.80
N MSE A 273 21.64 -0.57 -31.67
CA MSE A 273 21.10 0.75 -31.44
C MSE A 273 22.02 1.83 -31.92
O MSE A 273 23.21 1.58 -32.11
CB MSE A 273 20.83 0.94 -29.92
CG MSE A 273 19.81 -0.04 -29.37
SE MSE A 273 19.69 0.01 -27.40
CE MSE A 273 18.90 1.72 -27.19
N ASP A 274 21.47 3.04 -32.04
CA ASP A 274 22.19 4.28 -32.37
C ASP A 274 23.35 4.36 -31.33
N PRO A 275 24.62 4.41 -31.82
CA PRO A 275 25.75 4.48 -30.88
C PRO A 275 25.68 5.60 -29.85
N LYS A 276 25.03 6.74 -30.19
CA LYS A 276 24.82 7.89 -29.32
C LYS A 276 23.89 7.49 -28.14
N ILE A 277 22.93 6.57 -28.39
CA ILE A 277 22.05 6.04 -27.33
C ILE A 277 22.80 4.98 -26.55
N ALA A 278 23.42 4.00 -27.25
CA ALA A 278 24.19 2.91 -26.64
C ALA A 278 25.20 3.41 -25.60
N LYS A 279 25.85 4.56 -25.86
CA LYS A 279 26.80 5.19 -24.93
C LYS A 279 26.15 5.63 -23.62
N SER A 280 24.86 6.01 -23.66
CA SER A 280 24.08 6.52 -22.50
C SER A 280 23.47 5.41 -21.64
N LEU A 281 23.66 4.14 -22.02
CA LEU A 281 23.07 3.00 -21.31
C LEU A 281 23.68 2.69 -19.94
N PRO A 282 22.90 2.13 -18.97
CA PRO A 282 23.46 1.80 -17.65
C PRO A 282 24.63 0.81 -17.72
N ASP A 283 24.71 -0.03 -18.77
CA ASP A 283 25.81 -1.01 -18.91
C ASP A 283 27.20 -0.37 -19.15
N GLN A 284 27.21 0.93 -19.47
CA GLN A 284 28.43 1.72 -19.64
C GLN A 284 28.76 2.40 -18.30
N GLN A 285 27.98 2.10 -17.23
CA GLN A 285 28.12 2.76 -15.92
C GLN A 285 28.08 1.77 -14.72
N THR A 286 28.69 0.58 -14.89
CA THR A 286 28.72 -0.49 -13.90
C THR A 286 29.72 -0.26 -12.76
N GLU A 287 30.66 0.71 -12.91
CA GLU A 287 31.71 1.03 -11.92
C GLU A 287 31.27 0.88 -10.44
N SER A 288 30.35 1.74 -9.99
CA SER A 288 29.84 1.78 -8.63
C SER A 288 28.35 1.43 -8.59
N GLN A 289 27.84 0.85 -9.67
CA GLN A 289 26.44 0.47 -9.82
C GLN A 289 25.92 -0.48 -8.73
N VAL A 290 24.74 -0.16 -8.22
CA VAL A 290 24.11 -0.96 -7.18
C VAL A 290 22.90 -1.66 -7.82
N ASN A 291 22.88 -3.00 -7.77
CA ASN A 291 21.76 -3.75 -8.32
C ASN A 291 20.73 -4.00 -7.23
N ALA A 292 19.50 -3.45 -7.37
CA ALA A 292 18.49 -3.67 -6.34
C ALA A 292 18.13 -5.15 -6.23
N ASP A 293 18.01 -5.64 -4.99
CA ASP A 293 17.78 -7.05 -4.74
C ASP A 293 16.30 -7.40 -4.81
N MSE A 294 15.89 -8.03 -5.95
CA MSE A 294 14.51 -8.43 -6.25
C MSE A 294 14.00 -9.49 -5.30
O MSE A 294 12.80 -9.54 -5.06
CB MSE A 294 14.34 -8.91 -7.72
CG MSE A 294 14.74 -7.91 -8.77
SE MSE A 294 13.66 -6.29 -8.86
CE MSE A 294 14.77 -5.09 -7.81
N ASN A 295 14.92 -10.33 -4.78
CA ASN A 295 14.61 -11.40 -3.83
C ASN A 295 14.32 -10.83 -2.46
N TYR A 296 15.11 -9.82 -2.00
CA TYR A 296 14.80 -9.14 -0.74
C TYR A 296 13.41 -8.49 -0.94
N TRP A 297 13.19 -7.76 -2.05
CA TRP A 297 11.90 -7.11 -2.23
C TRP A 297 10.75 -8.08 -2.35
N ALA A 298 11.00 -9.25 -2.96
CA ALA A 298 9.97 -10.29 -3.07
C ALA A 298 9.48 -10.72 -1.68
N GLN A 299 10.40 -10.76 -0.70
CA GLN A 299 10.10 -11.20 0.66
C GLN A 299 9.49 -10.10 1.54
N HIS A 300 9.65 -8.82 1.17
CA HIS A 300 9.21 -7.72 2.04
C HIS A 300 8.28 -6.67 1.42
N ARG A 301 8.02 -6.74 0.12
CA ARG A 301 7.21 -5.72 -0.58
C ARG A 301 5.87 -5.35 0.05
N ASP A 302 5.12 -6.33 0.57
CA ASP A 302 3.79 -6.03 1.10
C ASP A 302 3.88 -5.23 2.40
N GLU A 303 4.85 -5.57 3.29
CA GLU A 303 5.06 -4.85 4.56
C GLU A 303 5.70 -3.49 4.33
N ILE A 304 6.65 -3.40 3.37
CA ILE A 304 7.29 -2.10 3.07
C ILE A 304 6.21 -1.15 2.55
N GLY A 305 5.38 -1.66 1.62
CA GLY A 305 4.28 -0.88 1.04
C GLY A 305 3.39 -0.23 2.08
N GLU A 306 2.93 -1.03 3.04
CA GLU A 306 2.07 -0.51 4.10
C GLU A 306 2.75 0.56 4.97
N ARG A 307 4.01 0.32 5.35
CA ARG A 307 4.77 1.26 6.17
C ARG A 307 5.03 2.54 5.37
N TRP A 308 5.41 2.37 4.10
CA TRP A 308 5.74 3.46 3.18
C TRP A 308 4.64 4.49 3.04
N TYR A 309 3.41 4.08 2.68
CA TYR A 309 2.31 5.05 2.52
C TYR A 309 1.89 5.72 3.83
N ALA A 310 1.99 5.00 4.96
CA ALA A 310 1.71 5.59 6.29
C ALA A 310 2.74 6.72 6.55
N TRP A 311 4.04 6.43 6.30
CA TRP A 311 5.15 7.35 6.50
C TRP A 311 5.06 8.57 5.55
N GLN A 312 4.74 8.31 4.27
CA GLN A 312 4.72 9.32 3.21
C GLN A 312 3.72 10.46 3.41
N ALA A 313 2.67 10.21 4.20
CA ALA A 313 1.63 11.21 4.53
C ALA A 313 2.29 12.55 4.91
N LYS A 314 1.74 13.67 4.42
CA LYS A 314 2.29 15.00 4.69
C LYS A 314 2.21 15.31 6.17
N HIS A 315 1.09 14.89 6.81
CA HIS A 315 0.85 15.18 8.20
C HIS A 315 0.59 13.93 8.99
N HIS A 316 1.00 13.98 10.25
CA HIS A 316 0.85 12.88 11.19
C HIS A 316 -0.58 12.71 11.64
N HIS A 317 -1.09 11.48 11.50
CA HIS A 317 -2.41 11.14 11.96
C HIS A 317 -2.36 9.75 12.54
N HIS A 318 -3.17 9.49 13.58
CA HIS A 318 -3.26 8.14 14.15
C HIS A 318 -4.38 7.40 13.38
N HIS A 319 -4.05 6.23 12.82
CA HIS A 319 -4.95 5.43 11.96
C HIS A 319 -6.15 4.87 12.70
N HIS A 320 -6.04 4.70 14.03
CA HIS A 320 -7.10 4.19 14.91
C HIS A 320 -7.00 4.86 16.28
N ASN B 1 10.17 -9.89 32.31
CA ASN B 1 9.42 -9.37 33.45
C ASN B 1 8.52 -8.20 33.04
N ASP B 2 9.07 -7.19 32.32
CA ASP B 2 8.28 -6.07 31.82
C ASP B 2 7.49 -6.53 30.57
N LEU B 3 6.19 -6.25 30.56
CA LEU B 3 5.34 -6.60 29.43
C LEU B 3 5.30 -5.40 28.49
N VAL B 4 5.35 -5.65 27.18
CA VAL B 4 5.28 -4.54 26.22
C VAL B 4 3.96 -4.58 25.44
N PHE B 5 3.20 -3.47 25.48
CA PHE B 5 1.95 -3.34 24.74
C PHE B 5 2.19 -2.35 23.60
N SER B 6 1.83 -2.76 22.39
CA SER B 6 2.01 -1.90 21.23
C SER B 6 0.67 -1.58 20.59
N SER B 7 0.46 -0.29 20.29
CA SER B 7 -0.80 0.14 19.68
C SER B 7 -0.56 1.31 18.70
N TRP B 8 -1.61 2.04 18.36
CA TRP B 8 -1.62 3.07 17.28
C TRP B 8 -1.18 4.48 17.69
N GLY B 9 -0.78 4.63 18.96
CA GLY B 9 -0.42 5.92 19.54
C GLY B 9 -1.67 6.78 19.74
N GLY B 10 -1.46 8.06 20.07
CA GLY B 10 -2.55 9.01 20.23
C GLY B 10 -3.51 8.66 21.34
N THR B 11 -4.73 9.21 21.26
CA THR B 11 -5.78 9.04 22.26
C THR B 11 -6.22 7.59 22.46
N THR B 12 -6.20 6.78 21.38
CA THR B 12 -6.56 5.36 21.57
C THR B 12 -5.56 4.63 22.47
N GLN B 13 -4.26 4.74 22.17
CA GLN B 13 -3.25 4.08 23.01
C GLN B 13 -3.23 4.69 24.41
N ASP B 14 -3.46 6.01 24.52
CA ASP B 14 -3.59 6.68 25.83
C ASP B 14 -4.73 6.06 26.66
N ALA B 15 -5.89 5.80 26.01
CA ALA B 15 -7.04 5.21 26.70
C ALA B 15 -6.75 3.78 27.09
N GLN B 16 -6.04 3.04 26.23
CA GLN B 16 -5.69 1.63 26.53
C GLN B 16 -4.69 1.58 27.69
N LYS B 17 -3.78 2.54 27.74
CA LYS B 17 -2.81 2.61 28.85
C LYS B 17 -3.59 2.86 30.17
N ALA B 18 -4.46 3.87 30.21
CA ALA B 18 -5.22 4.19 31.43
C ALA B 18 -6.23 3.09 31.84
N ALA B 19 -6.95 2.48 30.86
CA ALA B 19 -7.99 1.48 31.18
C ALA B 19 -7.46 0.08 31.42
N TRP B 20 -6.38 -0.27 30.75
CA TRP B 20 -5.86 -1.62 30.81
C TRP B 20 -4.52 -1.75 31.47
N ALA B 21 -3.48 -1.08 30.93
CA ALA B 21 -2.11 -1.22 31.47
C ALA B 21 -2.05 -0.81 32.94
N GLU B 22 -2.64 0.36 33.27
CA GLU B 22 -2.61 0.82 34.66
C GLU B 22 -3.31 -0.15 35.62
N LYS B 23 -4.49 -0.66 35.23
CA LYS B 23 -5.26 -1.64 36.01
C LYS B 23 -4.50 -2.94 36.18
N PHE B 24 -3.84 -3.42 35.09
CA PHE B 24 -3.05 -4.64 35.11
C PHE B 24 -1.86 -4.51 36.08
N MSE B 25 -1.18 -3.34 36.08
CA MSE B 25 -0.05 -3.09 36.97
C MSE B 25 -0.53 -3.08 38.42
O MSE B 25 0.03 -3.81 39.25
CB MSE B 25 0.68 -1.79 36.60
CG MSE B 25 1.31 -1.87 35.19
SE MSE B 25 2.48 -0.40 34.66
CE MSE B 25 1.33 1.16 35.24
N VAL B 26 -1.62 -2.35 38.70
CA VAL B 26 -2.23 -2.26 40.03
C VAL B 26 -2.54 -3.65 40.57
N GLU B 27 -3.19 -4.46 39.75
CA GLU B 27 -3.66 -5.80 40.07
C GLU B 27 -2.57 -6.87 40.21
N THR B 28 -1.55 -6.85 39.34
CA THR B 28 -0.54 -7.92 39.27
C THR B 28 0.89 -7.53 39.66
N GLY B 29 1.19 -6.24 39.72
CA GLY B 29 2.55 -5.79 39.99
C GLY B 29 3.48 -5.88 38.78
N ILE B 30 2.98 -6.42 37.64
CA ILE B 30 3.76 -6.52 36.39
C ILE B 30 3.71 -5.16 35.69
N ASN B 31 4.87 -4.54 35.39
CA ASN B 31 4.80 -3.26 34.70
C ASN B 31 4.60 -3.42 33.20
N VAL B 32 3.84 -2.52 32.63
CA VAL B 32 3.54 -2.55 31.20
C VAL B 32 4.24 -1.36 30.53
N LEU B 33 5.05 -1.64 29.51
CA LEU B 33 5.71 -0.57 28.75
C LEU B 33 4.89 -0.31 27.48
N GLN B 34 4.78 0.96 27.10
CA GLN B 34 4.05 1.34 25.91
C GLN B 34 5.00 1.44 24.74
N ASP B 35 4.64 0.83 23.61
CA ASP B 35 5.46 0.94 22.40
C ASP B 35 4.55 1.06 21.17
N GLY B 36 5.16 1.17 20.01
CA GLY B 36 4.48 1.32 18.73
C GLY B 36 5.06 2.47 17.94
N PRO B 37 4.33 2.97 16.92
CA PRO B 37 3.00 2.50 16.50
C PRO B 37 3.03 1.10 15.93
N THR B 38 1.90 0.39 16.02
CA THR B 38 1.77 -0.95 15.45
C THR B 38 2.31 -0.91 14.02
N ASP B 39 3.24 -1.80 13.73
CA ASP B 39 3.85 -1.87 12.41
C ASP B 39 3.98 -3.35 12.07
N TYR B 40 3.29 -3.77 11.00
CA TYR B 40 3.24 -5.19 10.60
C TYR B 40 4.56 -5.75 10.12
N GLY B 41 5.37 -4.91 9.47
CA GLY B 41 6.72 -5.32 9.06
C GLY B 41 7.59 -5.59 10.28
N LYS B 42 7.49 -4.73 11.31
CA LYS B 42 8.29 -4.91 12.54
C LYS B 42 7.83 -6.15 13.29
N LEU B 43 6.51 -6.41 13.31
CA LEU B 43 5.95 -7.61 13.98
C LEU B 43 6.51 -8.86 13.30
N LYS B 44 6.39 -8.95 11.97
CA LYS B 44 6.89 -10.09 11.19
C LYS B 44 8.41 -10.27 11.37
N ALA B 45 9.20 -9.18 11.31
CA ALA B 45 10.66 -9.24 11.48
C ALA B 45 11.08 -9.79 12.87
N MSE B 46 10.42 -9.30 13.96
CA MSE B 46 10.60 -9.70 15.40
C MSE B 46 10.41 -11.22 15.56
O MSE B 46 11.18 -11.91 16.25
CB MSE B 46 9.41 -9.08 16.13
CG MSE B 46 9.70 -8.55 17.41
SE MSE B 46 8.05 -7.73 17.94
CE MSE B 46 8.55 -5.91 17.33
N VAL B 47 9.30 -11.70 14.99
CA VAL B 47 8.88 -13.11 15.04
C VAL B 47 9.88 -13.99 14.26
N GLU B 48 10.25 -13.56 13.04
CA GLU B 48 11.20 -14.35 12.24
C GLU B 48 12.61 -14.38 12.82
N ALA B 49 13.02 -13.29 13.50
CA ALA B 49 14.35 -13.26 14.12
C ALA B 49 14.37 -13.99 15.47
N ASN B 50 13.18 -14.41 15.97
CA ASN B 50 13.00 -14.96 17.32
C ASN B 50 13.58 -13.92 18.33
N GLY B 51 13.20 -12.66 18.11
CA GLY B 51 13.60 -11.53 18.93
C GLY B 51 12.39 -10.69 19.24
N VAL B 52 11.33 -11.34 19.72
CA VAL B 52 10.05 -10.68 20.02
C VAL B 52 10.18 -9.69 21.16
N THR B 53 9.87 -8.42 20.86
CA THR B 53 9.94 -7.32 21.84
C THR B 53 8.57 -6.69 22.12
N TRP B 54 7.51 -7.12 21.41
CA TRP B 54 6.13 -6.66 21.65
C TRP B 54 5.37 -7.88 22.09
N ASP B 55 4.78 -7.85 23.28
CA ASP B 55 4.07 -9.01 23.83
C ASP B 55 2.59 -9.03 23.51
N VAL B 56 1.95 -7.87 23.51
CA VAL B 56 0.52 -7.73 23.18
C VAL B 56 0.43 -6.61 22.17
N VAL B 57 -0.22 -6.88 21.02
CA VAL B 57 -0.31 -5.86 19.97
C VAL B 57 -1.76 -5.63 19.58
N ASP B 58 -2.15 -4.35 19.49
CA ASP B 58 -3.45 -3.96 18.95
C ASP B 58 -3.21 -3.84 17.41
N VAL B 59 -3.90 -4.70 16.63
CA VAL B 59 -3.78 -4.76 15.16
C VAL B 59 -5.16 -4.61 14.53
N GLU B 60 -5.21 -4.37 13.21
CA GLU B 60 -6.51 -4.32 12.52
C GLU B 60 -7.05 -5.73 12.43
N GLY B 61 -8.39 -5.88 12.54
CA GLY B 61 -9.04 -7.18 12.51
C GLY B 61 -8.66 -8.02 11.30
N ASP B 62 -8.52 -7.38 10.13
CA ASP B 62 -8.13 -8.12 8.92
C ASP B 62 -6.68 -8.57 8.96
N TYR B 63 -5.80 -7.79 9.63
CA TYR B 63 -4.42 -8.24 9.76
C TYR B 63 -4.40 -9.44 10.69
N ALA B 64 -5.12 -9.40 11.81
CA ALA B 64 -5.16 -10.56 12.74
C ALA B 64 -5.64 -11.84 12.04
N ALA B 65 -6.65 -11.70 11.18
CA ALA B 65 -7.23 -12.82 10.43
C ALA B 65 -6.21 -13.35 9.42
N GLN B 66 -5.31 -12.49 8.92
CA GLN B 66 -4.28 -12.95 7.98
C GLN B 66 -3.05 -13.57 8.71
N ALA B 67 -2.55 -12.88 9.77
CA ALA B 67 -1.33 -13.30 10.47
C ALA B 67 -1.42 -14.63 11.22
N GLY B 68 -2.57 -14.96 11.79
CA GLY B 68 -2.76 -16.20 12.52
C GLY B 68 -2.45 -17.42 11.65
N PRO B 69 -3.11 -17.52 10.48
CA PRO B 69 -2.84 -18.65 9.56
C PRO B 69 -1.41 -18.64 8.97
N LYS B 70 -0.74 -17.47 8.99
CA LYS B 70 0.64 -17.37 8.51
C LYS B 70 1.69 -17.82 9.53
N GLY B 71 1.28 -18.13 10.77
CA GLY B 71 2.22 -18.58 11.79
C GLY B 71 2.94 -17.48 12.54
N LEU B 72 2.46 -16.22 12.48
CA LEU B 72 3.15 -15.12 13.15
C LEU B 72 2.72 -14.88 14.59
N LEU B 73 1.66 -15.59 15.02
CA LEU B 73 1.05 -15.36 16.32
C LEU B 73 0.93 -16.60 17.18
N GLU B 74 1.01 -16.41 18.50
CA GLU B 74 0.77 -17.47 19.46
C GLU B 74 -0.73 -17.77 19.41
N LYS B 75 -1.08 -19.03 19.64
CA LYS B 75 -2.48 -19.39 19.85
C LYS B 75 -2.84 -18.79 21.22
N LEU B 76 -4.02 -18.17 21.34
CA LEU B 76 -4.41 -17.58 22.62
C LEU B 76 -4.86 -18.66 23.60
N ASP B 77 -4.60 -18.45 24.88
CA ASP B 77 -4.99 -19.40 25.93
C ASP B 77 -6.41 -19.08 26.39
N PHE B 78 -7.38 -19.83 25.87
CA PHE B 78 -8.79 -19.63 26.22
C PHE B 78 -9.22 -20.21 27.57
N SER B 79 -8.28 -20.82 28.30
CA SER B 79 -8.50 -21.27 29.67
C SER B 79 -8.20 -20.06 30.58
N VAL B 80 -7.41 -19.06 30.07
CA VAL B 80 -7.08 -17.84 30.83
C VAL B 80 -7.99 -16.70 30.34
N ILE B 81 -8.07 -16.54 29.02
CA ILE B 81 -8.91 -15.50 28.39
C ILE B 81 -10.31 -16.07 28.24
N ASP B 82 -11.28 -15.49 28.93
CA ASP B 82 -12.67 -15.92 28.81
C ASP B 82 -13.26 -15.35 27.51
N LYS B 83 -13.58 -16.21 26.53
CA LYS B 83 -14.15 -15.71 25.25
C LYS B 83 -15.67 -15.75 25.26
N THR B 84 -16.28 -16.30 26.33
CA THR B 84 -17.74 -16.48 26.39
C THR B 84 -18.57 -15.24 26.24
N LYS B 85 -18.11 -14.09 26.75
CA LYS B 85 -18.87 -12.85 26.65
C LYS B 85 -18.30 -11.90 25.58
N LEU B 86 -17.35 -12.40 24.78
CA LEU B 86 -16.75 -11.59 23.72
C LEU B 86 -17.48 -11.82 22.38
N ASP B 87 -17.60 -10.76 21.55
CA ASP B 87 -18.26 -10.83 20.24
C ASP B 87 -17.48 -11.89 19.41
N PRO B 88 -18.13 -13.02 19.05
CA PRO B 88 -17.39 -14.13 18.40
C PRO B 88 -16.90 -13.82 16.99
N ARG B 89 -17.47 -12.80 16.38
CA ARG B 89 -17.09 -12.33 15.05
C ARG B 89 -15.67 -11.77 15.05
N PHE B 90 -15.12 -11.42 16.24
CA PHE B 90 -13.75 -10.87 16.32
C PHE B 90 -12.77 -11.80 17.04
N VAL B 91 -13.18 -13.06 17.20
CA VAL B 91 -12.39 -14.07 17.87
C VAL B 91 -11.89 -15.11 16.87
N THR B 92 -10.59 -15.42 16.92
CA THR B 92 -10.00 -16.54 16.16
C THR B 92 -9.13 -17.32 17.15
N ASP B 93 -8.46 -18.38 16.69
CA ASP B 93 -7.52 -19.11 17.53
C ASP B 93 -6.35 -18.21 18.01
N TYR B 94 -6.10 -17.10 17.29
CA TYR B 94 -4.96 -16.22 17.51
C TYR B 94 -5.30 -14.79 17.89
N SER B 95 -6.58 -14.48 18.09
CA SER B 95 -6.99 -13.11 18.36
C SER B 95 -8.33 -13.03 19.05
N VAL B 96 -8.58 -11.90 19.73
CA VAL B 96 -9.86 -11.54 20.33
C VAL B 96 -10.00 -10.07 19.95
N GLY B 97 -11.21 -9.52 20.04
CA GLY B 97 -11.40 -8.12 19.73
C GLY B 97 -10.69 -7.21 20.72
N SER B 98 -10.26 -6.06 20.25
CA SER B 98 -9.64 -5.03 21.09
C SER B 98 -10.73 -3.97 21.35
N PHE B 99 -11.43 -3.58 20.27
CA PHE B 99 -12.53 -2.62 20.26
C PHE B 99 -13.19 -2.77 18.90
N TYR B 100 -14.40 -2.25 18.76
CA TYR B 100 -15.01 -2.24 17.44
C TYR B 100 -15.74 -0.95 17.20
N TYR B 101 -16.28 -0.76 15.98
CA TYR B 101 -16.93 0.49 15.59
C TYR B 101 -17.81 0.25 14.40
N SER B 102 -18.62 1.26 14.05
CA SER B 102 -19.39 1.24 12.82
C SER B 102 -19.00 2.47 12.01
N PHE B 103 -18.93 2.33 10.69
CA PHE B 103 -18.86 3.48 9.80
C PHE B 103 -20.33 3.86 9.60
N VAL B 104 -20.66 5.11 9.88
CA VAL B 104 -22.01 5.62 9.78
C VAL B 104 -21.99 6.86 8.88
N ILE B 105 -23.17 7.36 8.49
CA ILE B 105 -23.24 8.56 7.65
C ILE B 105 -23.52 9.76 8.53
N GLY B 106 -22.47 10.52 8.81
CA GLY B 106 -22.55 11.69 9.68
C GLY B 106 -22.81 12.93 8.86
N CYS B 107 -23.47 13.93 9.45
CA CYS B 107 -23.81 15.13 8.72
C CYS B 107 -23.92 16.37 9.60
N ASN B 108 -23.32 17.49 9.13
CA ASN B 108 -23.40 18.81 9.73
C ASN B 108 -24.75 19.41 9.17
N VAL B 109 -25.82 19.21 9.94
CA VAL B 109 -27.21 19.58 9.62
C VAL B 109 -27.41 20.99 9.09
N ASP B 110 -26.94 22.00 9.84
CA ASP B 110 -27.13 23.41 9.47
C ASP B 110 -26.34 23.90 8.28
N SER B 111 -25.30 23.17 7.86
CA SER B 111 -24.48 23.60 6.73
C SER B 111 -25.03 23.16 5.38
N VAL B 112 -26.03 22.28 5.36
CA VAL B 112 -26.58 21.73 4.13
C VAL B 112 -28.10 21.78 4.09
N SER B 113 -28.66 21.62 2.89
CA SER B 113 -30.11 21.61 2.66
C SER B 113 -30.74 20.38 3.31
N ALA B 114 -30.16 19.17 3.07
CA ALA B 114 -30.66 17.91 3.64
C ALA B 114 -29.52 16.92 3.87
N CYS B 115 -29.70 16.02 4.83
CA CYS B 115 -28.71 15.03 5.20
C CYS B 115 -28.83 13.72 4.40
N PRO B 116 -27.72 13.18 3.84
CA PRO B 116 -27.78 11.87 3.19
C PRO B 116 -28.14 10.79 4.23
N LYS B 117 -29.09 9.90 3.89
CA LYS B 117 -29.56 8.87 4.84
C LYS B 117 -29.04 7.48 4.52
N SER B 118 -28.63 7.25 3.29
CA SER B 118 -28.16 5.94 2.83
C SER B 118 -26.81 6.10 2.19
N TRP B 119 -26.08 5.00 1.95
CA TRP B 119 -24.82 5.08 1.19
C TRP B 119 -25.14 5.59 -0.22
N ALA B 120 -26.27 5.15 -0.84
CA ALA B 120 -26.69 5.64 -2.16
C ALA B 120 -26.78 7.18 -2.13
N ASP B 121 -27.41 7.79 -1.07
CA ASP B 121 -27.49 9.24 -0.94
C ASP B 121 -26.08 9.86 -0.80
N LEU B 122 -25.21 9.25 0.01
CA LEU B 122 -23.86 9.79 0.21
C LEU B 122 -23.07 9.87 -1.11
N PHE B 123 -23.40 8.97 -2.05
CA PHE B 123 -22.77 8.92 -3.37
C PHE B 123 -23.56 9.71 -4.43
N ASP B 124 -24.61 10.43 -4.01
CA ASP B 124 -25.48 11.19 -4.93
C ASP B 124 -25.17 12.68 -4.82
N THR B 125 -24.24 13.16 -5.67
CA THR B 125 -23.81 14.57 -5.68
C THR B 125 -24.86 15.51 -6.27
N ALA B 126 -25.81 14.98 -7.05
CA ALA B 126 -26.90 15.77 -7.63
C ALA B 126 -27.91 16.13 -6.52
N LYS B 127 -28.41 15.09 -5.80
CA LYS B 127 -29.36 15.27 -4.71
C LYS B 127 -28.71 15.84 -3.44
N PHE B 128 -27.42 15.50 -3.17
CA PHE B 128 -26.70 15.94 -1.99
C PHE B 128 -25.35 16.53 -2.42
N PRO B 129 -25.33 17.79 -2.94
CA PRO B 129 -24.06 18.36 -3.43
C PRO B 129 -23.04 18.72 -2.36
N GLY B 130 -21.78 18.76 -2.78
CA GLY B 130 -20.69 19.20 -1.90
C GLY B 130 -19.63 18.16 -1.64
N LYS B 131 -18.71 18.50 -0.74
CA LYS B 131 -17.61 17.58 -0.41
C LYS B 131 -18.08 16.56 0.58
N ARG B 132 -17.59 15.32 0.46
CA ARG B 132 -17.93 14.24 1.37
C ARG B 132 -16.62 13.63 1.85
N THR B 133 -16.58 13.19 3.12
CA THR B 133 -15.33 12.66 3.66
C THR B 133 -15.35 11.16 3.91
N PHE B 134 -14.22 10.48 3.58
CA PHE B 134 -14.04 9.04 3.74
C PHE B 134 -12.67 8.74 4.30
N TYR B 135 -12.53 7.57 4.93
CA TYR B 135 -11.29 7.10 5.50
C TYR B 135 -10.23 6.90 4.44
N LYS B 136 -9.07 7.52 4.66
CA LYS B 136 -7.96 7.47 3.71
C LYS B 136 -7.35 6.10 3.49
N TRP B 137 -7.10 5.36 4.58
CA TRP B 137 -6.29 4.14 4.52
C TRP B 137 -6.99 2.94 3.92
N SER B 138 -6.23 2.08 3.21
CA SER B 138 -6.79 0.86 2.62
C SER B 138 -7.22 -0.02 3.77
N ALA B 139 -8.52 -0.24 3.90
CA ALA B 139 -9.10 -0.95 5.05
C ALA B 139 -10.56 -1.21 4.77
N PRO B 140 -11.16 -2.22 5.43
CA PRO B 140 -12.61 -2.42 5.29
C PRO B 140 -13.42 -1.13 5.53
N GLY B 141 -14.42 -0.93 4.70
CA GLY B 141 -15.35 0.18 4.86
C GLY B 141 -15.74 0.90 3.60
N VAL B 142 -14.77 1.63 2.99
CA VAL B 142 -15.10 2.46 1.81
C VAL B 142 -15.60 1.66 0.59
N ILE B 143 -14.87 0.60 0.25
CA ILE B 143 -15.22 -0.24 -0.89
C ILE B 143 -16.64 -0.82 -0.71
N GLU B 144 -16.93 -1.38 0.49
CA GLU B 144 -18.26 -1.92 0.83
C GLU B 144 -19.33 -0.83 0.70
N ALA B 145 -19.06 0.37 1.24
CA ALA B 145 -20.02 1.49 1.15
C ALA B 145 -20.33 1.87 -0.32
N ALA B 146 -19.31 1.89 -1.19
CA ALA B 146 -19.48 2.19 -2.63
C ALA B 146 -20.36 1.11 -3.28
N LEU B 147 -20.11 -0.16 -2.97
CA LEU B 147 -20.87 -1.27 -3.55
C LEU B 147 -22.33 -1.24 -3.08
N LEU B 148 -22.54 -1.00 -1.75
CA LEU B 148 -23.89 -0.84 -1.18
C LEU B 148 -24.61 0.34 -1.82
N ALA B 149 -23.88 1.48 -2.04
CA ALA B 149 -24.44 2.67 -2.70
C ALA B 149 -24.82 2.37 -4.14
N ASP B 150 -24.11 1.42 -4.78
CA ASP B 150 -24.36 1.02 -6.16
C ASP B 150 -25.44 -0.08 -6.29
N GLY B 151 -26.14 -0.39 -5.20
CA GLY B 151 -27.24 -1.34 -5.23
C GLY B 151 -26.91 -2.77 -4.89
N VAL B 152 -25.65 -3.07 -4.51
CA VAL B 152 -25.29 -4.43 -4.11
C VAL B 152 -25.92 -4.67 -2.76
N THR B 153 -26.62 -5.79 -2.61
CA THR B 153 -27.24 -6.10 -1.32
C THR B 153 -26.19 -6.66 -0.38
N ALA B 154 -26.41 -6.49 0.92
CA ALA B 154 -25.49 -6.91 1.97
C ALA B 154 -25.08 -8.39 1.85
N ASP B 155 -26.03 -9.28 1.52
CA ASP B 155 -25.76 -10.72 1.38
C ASP B 155 -24.93 -11.09 0.14
N LYS B 156 -24.83 -10.18 -0.86
CA LYS B 156 -24.10 -10.42 -2.11
C LYS B 156 -22.78 -9.63 -2.21
N LEU B 157 -22.43 -8.90 -1.15
CA LEU B 157 -21.25 -8.05 -1.10
C LEU B 157 -19.92 -8.80 -1.39
N TYR B 158 -19.69 -9.92 -0.70
CA TYR B 158 -18.44 -10.69 -0.77
C TYR B 158 -18.51 -11.88 -1.71
N PRO B 159 -17.49 -12.11 -2.56
CA PRO B 159 -16.23 -11.33 -2.69
C PRO B 159 -16.49 -10.00 -3.36
N LEU B 160 -15.82 -8.95 -2.89
CA LEU B 160 -16.04 -7.61 -3.43
C LEU B 160 -15.78 -7.47 -4.91
N ASP B 161 -16.73 -6.83 -5.62
CA ASP B 161 -16.57 -6.55 -7.04
C ASP B 161 -15.79 -5.24 -7.10
N LEU B 162 -14.46 -5.35 -7.13
CA LEU B 162 -13.59 -4.16 -7.08
C LEU B 162 -13.76 -3.20 -8.25
N ASP B 163 -13.88 -3.73 -9.48
CA ASP B 163 -14.10 -2.86 -10.64
C ASP B 163 -15.34 -2.03 -10.45
N ARG B 164 -16.42 -2.67 -9.98
CA ARG B 164 -17.68 -1.99 -9.73
C ARG B 164 -17.55 -0.94 -8.62
N ALA B 165 -16.79 -1.28 -7.56
CA ALA B 165 -16.61 -0.37 -6.43
C ALA B 165 -15.83 0.88 -6.86
N PHE B 166 -14.72 0.70 -7.61
CA PHE B 166 -13.87 1.82 -8.06
C PHE B 166 -14.58 2.70 -9.10
N LYS B 167 -15.44 2.10 -9.92
CA LYS B 167 -16.26 2.83 -10.91
C LYS B 167 -17.24 3.73 -10.15
N LYS B 168 -17.87 3.20 -9.09
CA LYS B 168 -18.79 3.97 -8.27
C LYS B 168 -18.04 5.12 -7.50
N LEU B 169 -16.85 4.83 -6.95
CA LEU B 169 -16.03 5.86 -6.27
C LEU B 169 -15.61 6.92 -7.28
N ASP B 170 -15.28 6.50 -8.52
CA ASP B 170 -14.92 7.45 -9.59
C ASP B 170 -15.98 8.51 -9.87
N THR B 171 -17.27 8.15 -9.75
CA THR B 171 -18.40 9.08 -9.96
C THR B 171 -18.43 10.26 -8.99
N ILE B 172 -17.82 10.11 -7.79
CA ILE B 172 -17.80 11.20 -6.77
C ILE B 172 -16.39 11.60 -6.38
N LYS B 173 -15.39 11.03 -7.05
CA LYS B 173 -13.97 11.22 -6.70
C LYS B 173 -13.52 12.65 -6.47
N SER B 174 -13.83 13.57 -7.42
CA SER B 174 -13.44 14.99 -7.30
C SER B 174 -14.03 15.65 -6.04
N ASP B 175 -15.11 15.07 -5.47
CA ASP B 175 -15.75 15.62 -4.27
C ASP B 175 -15.36 14.90 -2.95
N ILE B 176 -14.39 13.98 -2.98
CA ILE B 176 -13.93 13.32 -1.76
C ILE B 176 -12.81 14.09 -1.10
N ILE B 177 -12.91 14.28 0.22
CA ILE B 177 -11.83 14.84 1.04
C ILE B 177 -11.54 13.68 2.00
N TRP B 178 -10.28 13.19 2.01
CA TRP B 178 -9.97 12.04 2.85
C TRP B 178 -9.67 12.43 4.28
N TRP B 179 -10.17 11.63 5.26
CA TRP B 179 -9.84 11.77 6.67
C TRP B 179 -8.85 10.66 7.04
N SER B 180 -7.69 11.06 7.61
CA SER B 180 -6.61 10.12 8.00
C SER B 180 -6.64 9.70 9.45
N GLY B 181 -7.40 10.40 10.26
CA GLY B 181 -7.58 10.12 11.68
C GLY B 181 -8.91 10.65 12.15
N GLY B 182 -9.38 10.18 13.31
CA GLY B 182 -10.67 10.57 13.87
C GLY B 182 -10.84 12.07 14.17
N ALA B 183 -9.83 12.73 14.73
CA ALA B 183 -9.96 14.17 15.02
C ALA B 183 -10.12 14.95 13.72
N GLN B 184 -9.37 14.55 12.67
CA GLN B 184 -9.49 15.20 11.37
C GLN B 184 -10.89 15.02 10.79
N SER B 185 -11.52 13.81 10.95
CA SER B 185 -12.90 13.59 10.44
C SER B 185 -13.86 14.57 11.13
N GLN B 186 -13.65 14.81 12.45
CA GLN B 186 -14.51 15.75 13.20
C GLN B 186 -14.33 17.18 12.75
N GLN B 187 -13.10 17.59 12.50
CA GLN B 187 -12.81 18.96 12.06
C GLN B 187 -13.41 19.20 10.67
N LEU B 188 -13.34 18.19 9.77
CA LEU B 188 -13.88 18.29 8.41
C LEU B 188 -15.38 18.48 8.45
N ILE B 189 -16.07 17.71 9.30
CA ILE B 189 -17.52 17.80 9.47
C ILE B 189 -17.90 19.10 10.20
N ALA B 190 -17.28 19.38 11.37
CA ALA B 190 -17.62 20.57 12.18
C ALA B 190 -17.45 21.88 11.42
N SER B 191 -16.35 22.01 10.65
CA SER B 191 -16.05 23.22 9.87
C SER B 191 -16.91 23.31 8.63
N ALA B 192 -17.60 22.20 8.27
CA ALA B 192 -18.36 22.05 7.04
C ALA B 192 -17.46 22.10 5.78
N GLU B 193 -16.15 21.82 5.94
CA GLU B 193 -15.26 21.68 4.77
C GLU B 193 -15.75 20.43 3.98
N ALA B 194 -16.18 19.38 4.70
CA ALA B 194 -16.83 18.19 4.13
C ALA B 194 -18.01 17.97 5.07
N PRO B 195 -19.19 18.56 4.73
CA PRO B 195 -20.34 18.52 5.65
C PRO B 195 -20.90 17.13 5.95
N PHE B 196 -20.54 16.12 5.15
CA PHE B 196 -21.00 14.77 5.47
C PHE B 196 -19.97 13.75 5.08
N GLY B 197 -20.10 12.55 5.62
CA GLY B 197 -19.16 11.52 5.27
C GLY B 197 -19.38 10.22 5.99
N SER B 198 -18.50 9.26 5.68
CA SER B 198 -18.53 7.96 6.32
C SER B 198 -17.51 8.06 7.44
N VAL B 199 -17.98 8.08 8.68
CA VAL B 199 -17.09 8.26 9.85
C VAL B 199 -17.31 7.21 10.93
N TRP B 200 -16.36 7.13 11.89
CA TRP B 200 -16.50 6.22 13.02
C TRP B 200 -17.63 6.75 13.87
N ASN B 201 -18.55 5.87 14.27
CA ASN B 201 -19.76 6.32 14.99
C ASN B 201 -19.51 7.17 16.21
N GLY B 202 -18.50 6.80 17.03
CA GLY B 202 -18.13 7.52 18.24
C GLY B 202 -17.72 8.96 18.00
N ARG B 203 -17.15 9.24 16.82
CA ARG B 203 -16.75 10.61 16.48
C ARG B 203 -17.95 11.56 16.31
N MSE B 204 -19.15 11.01 16.00
CA MSE B 204 -20.36 11.83 15.87
C MSE B 204 -20.86 12.32 17.24
O MSE B 204 -21.41 13.41 17.33
CB MSE B 204 -21.46 11.10 15.10
CG MSE B 204 -21.10 10.85 13.62
SE MSE B 204 -20.53 12.45 12.68
CE MSE B 204 -22.22 13.51 12.80
N THR B 205 -20.57 11.54 18.30
CA THR B 205 -20.92 11.85 19.69
C THR B 205 -20.25 13.12 20.20
N ALA B 206 -18.93 13.27 19.99
CA ALA B 206 -18.21 14.46 20.42
C ALA B 206 -18.68 15.70 19.65
N LEU B 207 -19.12 15.51 18.38
CA LEU B 207 -19.66 16.62 17.59
C LEU B 207 -20.98 17.09 18.18
N GLU B 208 -21.83 16.16 18.63
CA GLU B 208 -23.11 16.46 19.27
C GLU B 208 -22.86 17.28 20.56
N GLN B 209 -22.01 16.76 21.46
CA GLN B 209 -21.67 17.39 22.75
C GLN B 209 -20.91 18.71 22.66
N SER B 210 -20.30 19.03 21.49
CA SER B 210 -19.54 20.25 21.27
C SER B 210 -20.38 21.45 20.83
N GLY B 211 -21.66 21.22 20.52
CA GLY B 211 -22.56 22.27 20.09
C GLY B 211 -22.75 22.39 18.59
N VAL B 212 -22.18 21.45 17.81
CA VAL B 212 -22.40 21.43 16.35
C VAL B 212 -23.64 20.56 16.15
N LYS B 213 -24.68 21.07 15.47
CA LYS B 213 -25.89 20.27 15.26
C LYS B 213 -25.55 19.21 14.22
N VAL B 214 -25.68 17.95 14.60
CA VAL B 214 -25.34 16.85 13.71
C VAL B 214 -26.43 15.81 13.60
N GLU B 215 -26.42 15.04 12.49
CA GLU B 215 -27.32 13.91 12.27
C GLU B 215 -26.44 12.73 11.94
N THR B 216 -26.87 11.54 12.31
CA THR B 216 -26.18 10.29 12.01
C THR B 216 -27.20 9.31 11.48
N SER B 217 -26.94 8.75 10.31
CA SER B 217 -27.78 7.67 9.81
C SER B 217 -27.00 6.37 9.96
N TRP B 218 -27.63 5.40 10.61
CA TRP B 218 -27.10 4.05 10.83
C TRP B 218 -27.57 3.06 9.77
N ALA B 219 -28.23 3.55 8.70
CA ALA B 219 -28.73 2.68 7.61
C ALA B 219 -27.54 1.96 6.92
N GLN B 220 -27.49 0.62 7.03
CA GLN B 220 -26.41 -0.22 6.47
C GLN B 220 -25.04 0.14 7.09
N ASN B 221 -25.02 0.50 8.38
CA ASN B 221 -23.77 0.85 9.07
C ASN B 221 -22.83 -0.33 8.99
N ILE B 222 -21.56 -0.05 8.70
CA ILE B 222 -20.55 -1.09 8.44
C ILE B 222 -19.66 -1.28 9.65
N THR B 223 -19.63 -2.50 10.23
CA THR B 223 -18.82 -2.79 11.40
C THR B 223 -17.51 -3.42 11.05
N ALA B 224 -16.46 -3.02 11.76
CA ALA B 224 -15.13 -3.61 11.68
C ALA B 224 -14.49 -3.43 13.07
N ALA B 225 -13.40 -4.14 13.34
CA ALA B 225 -12.79 -4.09 14.67
C ALA B 225 -11.29 -4.17 14.60
N ASP B 226 -10.64 -3.82 15.72
CA ASP B 226 -9.22 -4.07 15.94
C ASP B 226 -9.21 -5.29 16.87
N SER B 227 -8.06 -5.99 16.90
CA SER B 227 -7.87 -7.22 17.66
C SER B 227 -6.64 -7.10 18.55
N LEU B 228 -6.60 -7.95 19.58
CA LEU B 228 -5.41 -8.09 20.43
C LEU B 228 -4.78 -9.40 20.05
N VAL B 229 -3.48 -9.39 19.77
CA VAL B 229 -2.68 -10.55 19.38
C VAL B 229 -1.38 -10.61 20.17
N VAL B 230 -0.75 -11.78 20.18
CA VAL B 230 0.50 -12.07 20.88
C VAL B 230 1.46 -12.61 19.85
N PRO B 231 2.51 -11.85 19.47
CA PRO B 231 3.47 -12.35 18.48
C PRO B 231 4.15 -13.66 18.90
N LYS B 232 4.26 -14.59 17.94
CA LYS B 232 4.85 -15.91 18.15
C LYS B 232 6.31 -15.79 18.60
N GLY B 233 6.60 -16.33 19.76
CA GLY B 233 7.94 -16.27 20.33
C GLY B 233 8.09 -15.26 21.44
N THR B 234 6.98 -14.61 21.87
CA THR B 234 7.05 -13.68 23.01
C THR B 234 7.73 -14.39 24.20
N LYS B 235 8.54 -13.65 24.97
CA LYS B 235 9.22 -14.22 26.15
C LYS B 235 8.36 -14.04 27.38
N ASN B 236 7.16 -13.44 27.23
CA ASN B 236 6.25 -13.16 28.33
C ASN B 236 4.85 -13.70 27.99
N LYS B 237 4.78 -14.92 27.46
CA LYS B 237 3.51 -15.51 27.01
C LYS B 237 2.42 -15.56 28.09
N ASP B 238 2.72 -16.09 29.30
CA ASP B 238 1.71 -16.16 30.38
C ASP B 238 1.18 -14.78 30.78
N ALA B 239 2.09 -13.80 30.94
CA ALA B 239 1.71 -12.42 31.28
C ALA B 239 0.86 -11.81 30.16
N ALA B 240 1.24 -12.04 28.90
CA ALA B 240 0.48 -11.55 27.73
C ALA B 240 -0.98 -12.05 27.76
N MSE B 241 -1.20 -13.36 28.05
CA MSE B 241 -2.55 -13.92 28.12
C MSE B 241 -3.33 -13.32 29.27
O MSE B 241 -4.49 -12.98 29.07
CB MSE B 241 -2.53 -15.45 28.28
CG MSE B 241 -1.77 -16.16 27.19
SE MSE B 241 -2.45 -15.70 25.43
CE MSE B 241 -0.97 -16.42 24.36
N LYS B 242 -2.70 -13.12 30.46
CA LYS B 242 -3.37 -12.47 31.59
C LYS B 242 -3.76 -11.05 31.22
N PHE B 243 -2.87 -10.33 30.50
CA PHE B 243 -3.13 -8.95 30.11
C PHE B 243 -4.36 -8.89 29.21
N ILE B 244 -4.42 -9.78 28.21
CA ILE B 244 -5.56 -9.81 27.27
C ILE B 244 -6.85 -10.18 28.01
N ALA B 245 -6.75 -11.09 28.99
CA ALA B 245 -7.92 -11.47 29.82
C ALA B 245 -8.46 -10.22 30.55
N LEU B 246 -7.57 -9.37 31.09
CA LEU B 246 -8.00 -8.15 31.77
C LEU B 246 -8.54 -7.15 30.74
N ALA B 247 -7.81 -6.93 29.64
CA ALA B 247 -8.16 -5.94 28.61
C ALA B 247 -9.56 -6.18 28.01
N THR B 248 -9.97 -7.45 27.96
CA THR B 248 -11.26 -7.85 27.39
C THR B 248 -12.35 -8.07 28.43
N SER B 249 -12.04 -7.83 29.74
CA SER B 249 -13.03 -8.00 30.81
C SER B 249 -14.07 -6.90 30.70
N ALA B 250 -15.25 -7.07 31.32
CA ALA B 250 -16.35 -6.14 31.16
C ALA B 250 -16.06 -4.68 31.57
N GLN B 251 -15.43 -4.49 32.74
CA GLN B 251 -15.12 -3.12 33.19
C GLN B 251 -14.03 -2.46 32.35
N ALA B 252 -12.98 -3.22 31.99
CA ALA B 252 -11.86 -2.69 31.20
C ALA B 252 -12.32 -2.27 29.82
N GLN B 253 -13.27 -3.05 29.23
CA GLN B 253 -13.85 -2.72 27.94
C GLN B 253 -14.80 -1.52 28.04
N ALA B 254 -15.55 -1.40 29.15
CA ALA B 254 -16.44 -0.25 29.40
C ALA B 254 -15.59 1.03 29.51
N ASP B 255 -14.45 0.95 30.22
CA ASP B 255 -13.54 2.09 30.41
C ASP B 255 -12.92 2.55 29.08
N MSE B 256 -12.40 1.61 28.30
CA MSE B 256 -11.82 1.92 26.97
C MSE B 256 -12.92 2.52 26.07
O MSE B 256 -12.68 3.56 25.45
CB MSE B 256 -11.21 0.63 26.37
CG MSE B 256 -10.63 0.80 24.96
SE MSE B 256 -12.01 0.83 23.59
CE MSE B 256 -12.91 -0.93 23.97
N ALA B 257 -14.12 1.90 26.02
CA ALA B 257 -15.22 2.43 25.21
C ALA B 257 -15.63 3.85 25.64
N THR B 258 -15.73 4.10 26.96
CA THR B 258 -16.10 5.42 27.47
C THR B 258 -15.10 6.48 26.98
N ALA B 259 -13.81 6.20 27.14
CA ALA B 259 -12.76 7.14 26.78
C ALA B 259 -12.65 7.40 25.29
N THR B 260 -12.81 6.33 24.47
CA THR B 260 -12.57 6.46 23.05
C THR B 260 -13.77 6.75 22.15
N GLY B 261 -14.97 6.32 22.57
CA GLY B 261 -16.14 6.41 21.70
C GLY B 261 -16.26 5.16 20.84
N TYR B 262 -15.30 4.20 20.98
CA TYR B 262 -15.38 2.93 20.27
C TYR B 262 -16.33 2.03 21.05
N ALA B 263 -16.76 0.94 20.44
CA ALA B 263 -17.66 0.01 21.08
C ALA B 263 -16.88 -1.10 21.78
N PRO B 264 -17.33 -1.53 22.98
CA PRO B 264 -16.65 -2.64 23.66
C PRO B 264 -16.92 -3.97 22.96
N VAL B 265 -15.94 -4.87 22.99
CA VAL B 265 -16.08 -6.20 22.36
C VAL B 265 -16.66 -7.20 23.37
N ASN B 266 -16.81 -6.77 24.62
CA ASN B 266 -17.42 -7.60 25.67
C ASN B 266 -18.88 -7.17 25.77
N ILE B 267 -19.80 -8.10 25.55
CA ILE B 267 -21.22 -7.73 25.55
C ILE B 267 -21.80 -7.36 26.94
N GLU B 268 -21.05 -7.63 28.03
CA GLU B 268 -21.45 -7.28 29.40
C GLU B 268 -20.99 -5.87 29.79
N SER B 269 -20.24 -5.18 28.91
CA SER B 269 -19.74 -3.84 29.19
C SER B 269 -20.78 -2.75 29.20
N ALA B 270 -21.72 -2.76 28.22
CA ALA B 270 -22.76 -1.75 28.04
C ALA B 270 -23.51 -1.42 29.34
N LYS B 271 -23.88 -2.43 30.12
CA LYS B 271 -24.61 -2.25 31.39
C LYS B 271 -23.78 -1.53 32.46
N LEU B 272 -22.44 -1.54 32.35
CA LEU B 272 -21.56 -0.85 33.29
C LEU B 272 -21.35 0.60 32.87
N MSE B 273 -21.74 0.94 31.64
CA MSE B 273 -21.48 2.28 31.12
C MSE B 273 -22.57 3.29 31.41
O MSE B 273 -23.66 2.91 31.82
CB MSE B 273 -21.23 2.22 29.60
CG MSE B 273 -19.98 1.43 29.26
SE MSE B 273 -19.89 1.11 27.31
CE MSE B 273 -19.48 2.83 26.74
N ASP B 274 -22.25 4.57 31.19
CA ASP B 274 -23.18 5.70 31.28
C ASP B 274 -24.34 5.31 30.31
N PRO B 275 -25.60 5.24 30.80
CA PRO B 275 -26.74 4.87 29.92
C PRO B 275 -26.84 5.74 28.67
N LYS B 276 -26.47 7.04 28.76
CA LYS B 276 -26.51 7.97 27.62
C LYS B 276 -25.49 7.58 26.56
N ILE B 277 -24.39 6.92 26.98
CA ILE B 277 -23.37 6.46 26.04
C ILE B 277 -23.79 5.10 25.49
N ALA B 278 -24.25 4.20 26.37
CA ALA B 278 -24.64 2.85 25.98
C ALA B 278 -25.73 2.84 24.90
N LYS B 279 -26.63 3.85 24.93
CA LYS B 279 -27.71 3.97 23.95
C LYS B 279 -27.21 4.27 22.52
N SER B 280 -25.97 4.80 22.40
CA SER B 280 -25.38 5.16 21.12
C SER B 280 -24.46 4.04 20.57
N LEU B 281 -24.41 2.90 21.27
CA LEU B 281 -23.55 1.79 20.84
C LEU B 281 -24.10 1.11 19.59
N PRO B 282 -23.22 0.59 18.69
CA PRO B 282 -23.72 -0.09 17.49
C PRO B 282 -24.75 -1.20 17.73
N ASP B 283 -24.56 -2.02 18.77
CA ASP B 283 -25.48 -3.13 19.02
C ASP B 283 -26.89 -2.72 19.48
N GLN B 284 -27.07 -1.46 19.88
CA GLN B 284 -28.38 -0.92 20.31
C GLN B 284 -29.14 -0.31 19.15
N GLN B 285 -28.51 -0.20 17.97
CA GLN B 285 -29.19 0.41 16.81
C GLN B 285 -30.00 -0.68 16.08
N THR B 286 -31.21 -0.34 15.60
CA THR B 286 -32.09 -1.33 14.97
C THR B 286 -31.98 -1.40 13.45
N GLU B 287 -31.24 -0.45 12.85
CA GLU B 287 -31.05 -0.35 11.41
C GLU B 287 -30.34 -1.57 10.85
N SER B 288 -30.43 -1.80 9.52
CA SER B 288 -29.66 -2.88 8.86
C SER B 288 -28.18 -2.61 9.13
N GLN B 289 -27.43 -3.66 9.47
CA GLN B 289 -26.01 -3.55 9.76
C GLN B 289 -25.26 -4.51 8.87
N VAL B 290 -24.07 -4.11 8.39
CA VAL B 290 -23.23 -4.95 7.53
C VAL B 290 -21.92 -5.18 8.28
N ASN B 291 -21.53 -6.44 8.51
CA ASN B 291 -20.25 -6.69 9.18
C ASN B 291 -19.20 -6.93 8.12
N ALA B 292 -18.07 -6.20 8.18
CA ALA B 292 -17.01 -6.39 7.21
C ALA B 292 -16.46 -7.81 7.36
N ASP B 293 -16.24 -8.47 6.22
CA ASP B 293 -15.79 -9.86 6.23
C ASP B 293 -14.26 -9.95 6.40
N MSE B 294 -13.82 -10.42 7.58
CA MSE B 294 -12.40 -10.53 7.95
C MSE B 294 -11.62 -11.50 7.14
O MSE B 294 -10.47 -11.23 6.83
CB MSE B 294 -12.20 -10.79 9.47
CG MSE B 294 -12.70 -9.66 10.32
SE MSE B 294 -11.82 -7.98 9.83
CE MSE B 294 -13.06 -7.17 8.55
N ASN B 295 -12.24 -12.64 6.84
CA ASN B 295 -11.68 -13.71 6.03
C ASN B 295 -11.41 -13.23 4.62
N TYR B 296 -12.37 -12.46 4.05
CA TYR B 296 -12.16 -11.89 2.72
C TYR B 296 -10.99 -10.88 2.81
N TRP B 297 -11.01 -9.95 3.79
CA TRP B 297 -9.94 -8.97 3.83
C TRP B 297 -8.58 -9.59 4.11
N ALA B 298 -8.53 -10.69 4.90
CA ALA B 298 -7.26 -11.39 5.23
C ALA B 298 -6.62 -11.92 3.96
N GLN B 299 -7.47 -12.37 3.01
CA GLN B 299 -7.02 -12.95 1.76
C GLN B 299 -6.73 -11.97 0.65
N HIS B 300 -7.18 -10.72 0.79
CA HIS B 300 -7.01 -9.74 -0.29
C HIS B 300 -6.40 -8.41 0.14
N ARG B 301 -6.12 -8.18 1.45
CA ARG B 301 -5.62 -6.87 1.94
C ARG B 301 -4.39 -6.34 1.24
N ASP B 302 -3.43 -7.23 0.94
CA ASP B 302 -2.20 -6.76 0.28
C ASP B 302 -2.43 -6.28 -1.15
N GLU B 303 -3.25 -6.99 -1.92
CA GLU B 303 -3.54 -6.59 -3.33
C GLU B 303 -4.48 -5.39 -3.38
N ILE B 304 -5.43 -5.35 -2.45
CA ILE B 304 -6.34 -4.20 -2.37
C ILE B 304 -5.53 -2.92 -2.04
N GLY B 305 -4.63 -3.01 -1.07
CA GLY B 305 -3.79 -1.86 -0.71
C GLY B 305 -3.06 -1.27 -1.90
N GLU B 306 -2.38 -2.13 -2.70
CA GLU B 306 -1.65 -1.65 -3.88
C GLU B 306 -2.56 -0.92 -4.84
N ARG B 307 -3.73 -1.53 -5.12
CA ARG B 307 -4.68 -0.96 -6.07
C ARG B 307 -5.26 0.35 -5.53
N TRP B 308 -5.57 0.38 -4.24
CA TRP B 308 -6.18 1.50 -3.56
C TRP B 308 -5.32 2.75 -3.63
N TYR B 309 -4.00 2.67 -3.29
CA TYR B 309 -3.16 3.86 -3.34
C TYR B 309 -2.91 4.35 -4.77
N ALA B 310 -2.79 3.42 -5.72
CA ALA B 310 -2.60 3.84 -7.13
C ALA B 310 -3.87 4.59 -7.61
N TRP B 311 -5.08 4.09 -7.20
CA TRP B 311 -6.37 4.71 -7.58
C TRP B 311 -6.59 6.07 -6.90
N GLN B 312 -6.28 6.14 -5.61
CA GLN B 312 -6.52 7.32 -4.78
C GLN B 312 -5.79 8.59 -5.23
N ALA B 313 -4.71 8.43 -5.99
CA ALA B 313 -3.90 9.57 -6.49
C ALA B 313 -4.80 10.64 -7.09
N LYS B 314 -4.49 11.90 -6.79
CA LYS B 314 -5.25 13.05 -7.31
C LYS B 314 -5.20 13.10 -8.82
N HIS B 315 -4.03 12.81 -9.41
CA HIS B 315 -3.84 12.88 -10.84
C HIS B 315 -3.37 11.53 -11.37
N HIS B 316 -3.77 11.21 -12.61
CA HIS B 316 -3.39 9.99 -13.29
C HIS B 316 -1.94 10.07 -13.74
N HIS B 317 -1.15 9.04 -13.41
CA HIS B 317 0.22 8.91 -13.86
C HIS B 317 0.48 7.44 -14.13
N HIS B 318 1.30 7.14 -15.15
CA HIS B 318 1.67 5.74 -15.43
C HIS B 318 2.90 5.42 -14.57
N HIS B 319 2.81 4.35 -13.76
CA HIS B 319 3.86 3.94 -12.82
C HIS B 319 5.17 3.53 -13.49
N HIS B 320 5.08 3.08 -14.76
CA HIS B 320 6.22 2.64 -15.57
C HIS B 320 6.01 3.05 -17.05
S SO4 C . 3.45 10.49 -16.62
O1 SO4 C . 3.87 11.40 -15.54
O2 SO4 C . 2.60 11.28 -17.51
O3 SO4 C . 4.59 9.98 -17.36
O4 SO4 C . 2.69 9.38 -16.05
S SO4 D . -1.47 13.44 1.96
O1 SO4 D . -1.92 14.53 2.83
O2 SO4 D . -1.24 13.93 0.60
O3 SO4 D . -0.24 12.93 2.50
O4 SO4 D . -2.52 12.40 1.91
S SO4 E . 1.80 9.41 20.46
O1 SO4 E . 3.09 9.79 21.02
O2 SO4 E . 1.01 10.61 20.18
O3 SO4 E . 2.04 8.68 19.22
O4 SO4 E . 1.08 8.57 21.39
S SO4 F . 26.24 14.89 -17.96
O1 SO4 F . 26.60 15.23 -16.57
O2 SO4 F . 27.25 15.44 -18.86
O3 SO4 F . 26.17 13.43 -18.11
O4 SO4 F . 24.93 15.46 -18.30
S SO4 G . 2.37 17.54 11.19
O1 SO4 G . 3.25 18.02 12.25
O2 SO4 G . 2.70 18.19 9.92
O3 SO4 G . 2.57 16.10 11.07
O4 SO4 G . 0.97 17.85 11.53
C1 GOL H . 5.56 14.37 2.28
O1 GOL H . 5.96 13.05 1.95
C2 GOL H . 6.57 15.37 1.78
O2 GOL H . 6.46 15.51 0.36
C3 GOL H . 6.47 16.72 2.46
O3 GOL H . 5.30 17.43 2.05
C1 GOL I . -0.53 -1.89 0.81
O1 GOL I . -0.93 -0.98 1.83
C2 GOL I . 0.76 -1.43 0.15
O2 GOL I . 1.64 -2.54 0.04
C3 GOL I . 0.51 -0.85 -1.22
O3 GOL I . 1.64 -0.98 -2.06
S SO4 J . -6.07 12.49 14.36
O1 SO4 J . -5.45 13.59 15.10
O2 SO4 J . -6.60 13.05 13.13
O3 SO4 J . -5.01 11.50 14.09
O4 SO4 J . -7.14 11.85 15.20
S SO4 K . -1.39 12.91 -4.37
O1 SO4 K . -1.76 13.76 -3.23
O2 SO4 K . -1.08 13.74 -5.54
O3 SO4 K . -0.17 12.12 -4.02
O4 SO4 K . -2.49 12.00 -4.66
S SO4 L . -1.01 -14.88 0.47
O1 SO4 L . -0.10 -14.20 1.40
O2 SO4 L . -1.80 -13.90 -0.27
O3 SO4 L . -0.22 -15.67 -0.48
O4 SO4 L . -1.91 -15.75 1.23
S SO4 M . -5.91 14.18 -14.09
O1 SO4 M . -4.72 15.02 -13.98
O2 SO4 M . -6.51 14.32 -15.42
O3 SO4 M . -5.58 12.79 -13.90
O4 SO4 M . -6.88 14.58 -13.05
C1 GOL N . -12.04 -21.15 19.67
O1 GOL N . -10.94 -21.63 20.43
C2 GOL N . -11.55 -20.25 18.55
O2 GOL N . -11.20 -21.06 17.40
C3 GOL N . -12.71 -19.34 18.22
O3 GOL N . -12.50 -18.65 17.00
C1 GOL O . -6.23 -28.64 19.91
O1 GOL O . -7.06 -29.70 20.36
C2 GOL O . -6.37 -27.44 20.81
O2 GOL O . -5.86 -27.82 22.09
C3 GOL O . -5.66 -26.20 20.32
O3 GOL O . -6.35 -25.47 19.30
C1 GOL P . 3.31 7.75 30.57
O1 GOL P . 2.17 7.75 31.42
C2 GOL P . 4.59 8.05 31.33
O2 GOL P . 4.63 7.29 32.54
C3 GOL P . 5.76 7.65 30.45
O3 GOL P . 6.98 8.06 31.04
#